data_9FMP
#
_entry.id   9FMP
#
_cell.length_a   71.126
_cell.length_b   100.892
_cell.length_c   109.681
_cell.angle_alpha   90.000
_cell.angle_beta   90.000
_cell.angle_gamma   90.000
#
_symmetry.space_group_name_H-M   'P 21 21 21'
#
loop_
_entity.id
_entity.type
_entity.pdbx_description
1 polymer 'LAMMER-like dual specificity kinase'
2 polymer 'LAMMER-like dual specificity kinase'
3 non-polymer ADENOSINE
4 non-polymer 1,2-ETHANEDIOL
5 water water
#
loop_
_entity_poly.entity_id
_entity_poly.type
_entity_poly.pdbx_seq_one_letter_code
_entity_poly.pdbx_strand_id
1 'polypeptide(L)'
;GPLGSPEFHVQYSVGEGLGPTADFPNGRYQILAPLGSGTFGKVVSCWDRVTEQLVAVKVIRAVRKYAEAARMEIDILLEL
GRKDPTSRFHCVRMLSYFTHVSQQGNAHVCLVFEHLGPSLFDVLMRNHFRPLPVPILRAVARQLLEAITFLHEHNQIVHT
DIKPENVLIVPSSYYPNRQITEHVQVRLIDFGSASRLDKVSVRHAIVSTRHYRAPEIILGTGWSFACDIWSFGALLVECY
TGQTLFQSHDDLEHLQLMQKLLQHENGEVIVPPPRPSPSSTSMGSQRRREALKLFRDGRLNWPEGIDEQSANSLARQKSI
RRVARMPELHSIFRPEHACLLHLIRCCLTIDPLKRWRPSELLRHPFFMSYSTEATP
;
A
2 'polypeptide(L)'
;GPLGSPEFHVQYSVGEGLGPTADFPNGRYQILAPLGSGTFGKVVSCWDRVTEQLVAVKVIRAVRKYAEAARMEIDILLEL
GRKDPTSRFHCVRMLSYFTHVSQQGNAHVCLVFEHLGPSLFDVLMRNHFRPLPVPILRAVARQLLEAITFLHEHNQIVHT
DIKPENVLIVPSSYYPNRQITEHVQVRLIDFGSASRLDKVSVRHAIVSTRHYRAPEIILGTGWSFACDIWSFGALLVECY
TGQ(TPO)LFQSHDDLEHLQLMQKLLQHENGEVIVPPPRPSPSSTSMGSQRRREALKLFRDGRLNWPEGIDEQSANSLAR
QKSIRRVARMPELHSIFRPEHACLLHLIRCCLTIDPLKRWRPSELLRHPFFMSYSTEATP
;
B
#
# COMPACT_ATOMS: atom_id res chain seq x y z
N VAL A 10 -16.48 3.87 -12.72
CA VAL A 10 -16.95 2.55 -13.15
C VAL A 10 -15.76 1.60 -13.29
N GLN A 11 -15.98 0.34 -12.92
CA GLN A 11 -14.92 -0.67 -12.98
C GLN A 11 -14.77 -1.17 -14.41
N TYR A 12 -13.54 -1.14 -14.92
CA TYR A 12 -13.25 -1.53 -16.28
C TYR A 12 -12.34 -2.76 -16.30
N SER A 13 -12.62 -3.68 -17.21
CA SER A 13 -11.88 -4.93 -17.33
C SER A 13 -11.12 -4.95 -18.65
N VAL A 14 -10.07 -5.76 -18.70
CA VAL A 14 -9.28 -5.89 -19.92
C VAL A 14 -10.11 -6.62 -20.97
N GLY A 15 -10.25 -6.01 -22.15
CA GLY A 15 -11.05 -6.54 -23.24
C GLY A 15 -12.14 -5.59 -23.70
N GLU A 16 -12.63 -4.74 -22.81
CA GLU A 16 -13.68 -3.80 -23.14
C GLU A 16 -13.13 -2.63 -23.96
N GLY A 17 -14.03 -1.94 -24.66
CA GLY A 17 -13.65 -0.85 -25.52
C GLY A 17 -14.07 0.53 -25.03
N LEU A 18 -13.45 1.57 -25.57
CA LEU A 18 -13.72 2.95 -25.21
C LEU A 18 -13.80 3.80 -26.47
N GLY A 19 -14.65 4.81 -26.43
CA GLY A 19 -14.81 5.72 -27.54
C GLY A 19 -15.33 5.07 -28.80
N PRO A 20 -16.64 4.84 -28.86
CA PRO A 20 -17.23 4.14 -30.01
C PRO A 20 -17.30 5.04 -31.25
N THR A 21 -16.94 4.47 -32.39
CA THR A 21 -17.02 5.16 -33.67
C THR A 21 -17.81 4.30 -34.64
N ALA A 22 -17.93 4.77 -35.88
CA ALA A 22 -18.66 4.03 -36.90
C ALA A 22 -17.96 2.73 -37.25
N ASP A 23 -16.67 2.81 -37.60
CA ASP A 23 -15.94 1.60 -37.97
C ASP A 23 -15.81 0.64 -36.80
N PHE A 24 -15.81 1.16 -35.57
CA PHE A 24 -15.65 0.36 -34.36
C PHE A 24 -16.74 0.72 -33.37
N PRO A 25 -17.92 0.11 -33.51
CA PRO A 25 -19.04 0.44 -32.60
C PRO A 25 -18.84 0.02 -31.16
N ASN A 26 -17.86 -0.84 -30.88
CA ASN A 26 -17.56 -1.29 -29.53
C ASN A 26 -16.38 -0.55 -28.91
N GLY A 27 -15.91 0.53 -29.55
CA GLY A 27 -14.82 1.32 -28.97
C GLY A 27 -13.61 1.35 -29.88
N ARG A 28 -13.14 2.57 -30.15
CA ARG A 28 -11.92 2.73 -30.95
C ARG A 28 -10.70 2.20 -30.20
N TYR A 29 -10.68 2.38 -28.88
CA TYR A 29 -9.53 2.01 -28.06
C TYR A 29 -9.90 0.77 -27.24
N GLN A 30 -9.09 -0.28 -27.35
CA GLN A 30 -9.34 -1.53 -26.65
C GLN A 30 -8.40 -1.65 -25.45
N ILE A 31 -8.97 -1.98 -24.29
CA ILE A 31 -8.18 -2.04 -23.07
C ILE A 31 -7.30 -3.27 -23.08
N LEU A 32 -6.00 -3.09 -22.85
CA LEU A 32 -5.06 -4.18 -22.79
C LEU A 32 -4.49 -4.42 -21.41
N ALA A 33 -4.31 -3.36 -20.61
CA ALA A 33 -3.69 -3.49 -19.30
C ALA A 33 -3.91 -2.22 -18.49
N PRO A 34 -3.89 -2.29 -17.16
CA PRO A 34 -3.92 -1.07 -16.36
C PRO A 34 -2.55 -0.40 -16.36
N LEU A 35 -2.56 0.93 -16.39
CA LEU A 35 -1.34 1.71 -16.37
C LEU A 35 -1.16 2.56 -15.13
N GLY A 36 -2.23 3.12 -14.58
CA GLY A 36 -2.07 3.94 -13.38
C GLY A 36 -3.42 4.40 -12.88
N SER A 37 -3.37 5.12 -11.76
CA SER A 37 -4.58 5.56 -11.09
C SER A 37 -4.29 6.84 -10.33
N GLY A 38 -5.36 7.59 -10.05
CA GLY A 38 -5.23 8.79 -9.26
C GLY A 38 -6.60 9.32 -8.91
N THR A 39 -6.62 10.43 -8.16
CA THR A 39 -7.89 11.04 -7.77
C THR A 39 -8.70 11.43 -8.99
N PHE A 40 -8.03 11.74 -10.12
CA PHE A 40 -8.74 12.08 -11.34
C PHE A 40 -9.50 10.89 -11.92
N GLY A 41 -8.98 9.68 -11.74
CA GLY A 41 -9.57 8.51 -12.34
C GLY A 41 -8.53 7.41 -12.59
N LYS A 42 -8.58 6.81 -13.78
CA LYS A 42 -7.71 5.68 -14.09
C LYS A 42 -7.09 5.85 -15.47
N VAL A 43 -5.81 5.52 -15.59
CA VAL A 43 -5.09 5.52 -16.86
C VAL A 43 -4.90 4.07 -17.28
N VAL A 44 -5.22 3.77 -18.53
CA VAL A 44 -5.28 2.40 -19.01
C VAL A 44 -4.54 2.31 -20.35
N SER A 45 -3.76 1.25 -20.51
CA SER A 45 -3.07 0.98 -21.76
C SER A 45 -4.06 0.44 -22.79
N CYS A 46 -4.04 1.00 -24.00
CA CYS A 46 -5.05 0.66 -25.00
C CYS A 46 -4.42 0.46 -26.36
N TRP A 47 -5.10 -0.34 -27.17
CA TRP A 47 -4.79 -0.55 -28.58
C TRP A 47 -5.74 0.31 -29.40
N ASP A 48 -5.19 1.23 -30.19
CA ASP A 48 -5.98 2.11 -31.04
C ASP A 48 -6.34 1.36 -32.31
N ARG A 49 -7.61 0.99 -32.47
CA ARG A 49 -8.02 0.23 -33.64
C ARG A 49 -7.96 1.03 -34.93
N VAL A 50 -7.81 2.36 -34.85
CA VAL A 50 -7.67 3.17 -36.06
C VAL A 50 -6.23 3.14 -36.56
N THR A 51 -5.30 3.56 -35.70
CA THR A 51 -3.89 3.67 -36.07
C THR A 51 -3.10 2.40 -35.78
N GLU A 52 -3.69 1.44 -35.07
CA GLU A 52 -3.05 0.18 -34.72
C GLU A 52 -1.71 0.42 -34.01
N GLN A 53 -1.76 1.26 -32.97
CA GLN A 53 -0.62 1.52 -32.11
C GLN A 53 -1.08 1.44 -30.66
N LEU A 54 -0.10 1.47 -29.76
CA LEU A 54 -0.37 1.51 -28.34
C LEU A 54 -0.52 2.96 -27.91
N VAL A 55 -1.58 3.24 -27.14
CA VAL A 55 -1.82 4.55 -26.57
C VAL A 55 -2.13 4.39 -25.10
N ALA A 56 -2.15 5.52 -24.39
CA ALA A 56 -2.54 5.55 -22.98
C ALA A 56 -3.77 6.41 -22.86
N VAL A 57 -4.88 5.82 -22.43
CA VAL A 57 -6.14 6.54 -22.30
C VAL A 57 -6.36 6.84 -20.83
N LYS A 58 -6.42 8.13 -20.50
CA LYS A 58 -6.70 8.60 -19.15
C LYS A 58 -8.20 8.90 -19.09
N VAL A 59 -8.92 8.10 -18.30
CA VAL A 59 -10.35 8.25 -18.11
C VAL A 59 -10.58 8.95 -16.78
N ILE A 60 -11.34 10.04 -16.80
CA ILE A 60 -11.59 10.87 -15.63
C ILE A 60 -12.84 10.36 -14.93
N ARG A 61 -12.86 10.51 -13.60
CA ARG A 61 -14.02 10.12 -12.82
C ARG A 61 -15.24 10.94 -13.23
N ALA A 62 -16.42 10.36 -13.01
CA ALA A 62 -17.67 11.01 -13.38
C ALA A 62 -18.06 12.09 -12.37
N VAL A 63 -17.14 13.01 -12.10
CA VAL A 63 -17.37 14.13 -11.21
C VAL A 63 -17.14 15.42 -11.99
N ARG A 64 -17.73 16.51 -11.50
CA ARG A 64 -17.67 17.78 -12.23
C ARG A 64 -16.30 18.44 -12.09
N LYS A 65 -15.72 18.43 -10.88
CA LYS A 65 -14.45 19.10 -10.64
C LYS A 65 -13.34 18.49 -11.48
N TYR A 66 -13.22 17.15 -11.44
CA TYR A 66 -12.23 16.46 -12.24
C TYR A 66 -12.50 16.60 -13.73
N ALA A 67 -13.75 16.81 -14.13
CA ALA A 67 -14.03 17.12 -15.54
C ALA A 67 -13.47 18.48 -15.93
N GLU A 68 -13.67 19.49 -15.08
CA GLU A 68 -13.07 20.80 -15.34
C GLU A 68 -11.56 20.70 -15.42
N ALA A 69 -10.95 19.97 -14.49
CA ALA A 69 -9.50 19.76 -14.51
C ALA A 69 -9.06 19.09 -15.79
N ALA A 70 -9.80 18.08 -16.25
CA ALA A 70 -9.44 17.38 -17.48
C ALA A 70 -9.55 18.30 -18.69
N ARG A 71 -10.56 19.17 -18.72
CA ARG A 71 -10.67 20.08 -19.85
C ARG A 71 -9.54 21.11 -19.84
N MET A 72 -9.13 21.56 -18.65
CA MET A 72 -7.97 22.43 -18.56
C MET A 72 -6.71 21.71 -19.05
N GLU A 73 -6.58 20.43 -18.71
CA GLU A 73 -5.44 19.65 -19.20
C GLU A 73 -5.46 19.54 -20.72
N ILE A 74 -6.65 19.31 -21.29
CA ILE A 74 -6.78 19.21 -22.74
C ILE A 74 -6.32 20.51 -23.39
N ASP A 75 -6.82 21.63 -22.88
CA ASP A 75 -6.45 22.93 -23.47
C ASP A 75 -4.95 23.16 -23.39
N ILE A 76 -4.37 22.97 -22.20
CA ILE A 76 -2.95 23.24 -22.03
C ILE A 76 -2.11 22.31 -22.91
N LEU A 77 -2.52 21.05 -23.03
CA LEU A 77 -1.74 20.12 -23.84
C LEU A 77 -1.90 20.38 -25.32
N LEU A 78 -3.04 20.94 -25.74
CA LEU A 78 -3.15 21.43 -27.11
C LEU A 78 -2.11 22.51 -27.38
N GLU A 79 -2.02 23.49 -26.46
CA GLU A 79 -1.01 24.53 -26.63
C GLU A 79 0.40 23.94 -26.64
N LEU A 80 0.67 23.00 -25.73
CA LEU A 80 2.02 22.45 -25.59
C LEU A 80 2.42 21.61 -26.80
N GLY A 81 1.49 20.82 -27.33
CA GLY A 81 1.78 20.05 -28.52
C GLY A 81 1.89 20.92 -29.76
N ARG A 82 1.19 22.06 -29.77
CA ARG A 82 1.35 22.99 -30.88
C ARG A 82 2.73 23.64 -30.87
N LYS A 83 3.20 24.07 -29.68
CA LYS A 83 4.47 24.78 -29.61
C LYS A 83 5.68 23.86 -29.56
N ASP A 84 5.48 22.55 -29.38
CA ASP A 84 6.60 21.60 -29.34
C ASP A 84 6.09 20.21 -29.70
N PRO A 85 5.98 19.89 -31.00
CA PRO A 85 5.35 18.62 -31.39
C PRO A 85 6.27 17.43 -31.17
N THR A 86 7.56 17.61 -31.46
CA THR A 86 8.57 16.59 -31.17
C THR A 86 8.69 16.33 -29.67
N SER A 87 8.26 17.27 -28.83
CA SER A 87 8.44 17.21 -27.38
C SER A 87 9.94 17.22 -27.04
N ARG A 88 10.64 18.21 -27.60
CA ARG A 88 12.03 18.44 -27.22
C ARG A 88 12.17 18.83 -25.76
N PHE A 89 11.09 19.30 -25.14
CA PHE A 89 11.11 19.78 -23.76
C PHE A 89 10.43 18.82 -22.80
N HIS A 90 10.23 17.56 -23.21
CA HIS A 90 9.92 16.46 -22.31
C HIS A 90 8.53 16.58 -21.68
N CYS A 91 7.55 17.10 -22.41
CA CYS A 91 6.17 17.13 -21.95
C CYS A 91 5.35 16.09 -22.71
N VAL A 92 4.45 15.41 -22.00
CA VAL A 92 3.71 14.31 -22.58
C VAL A 92 2.87 14.80 -23.76
N ARG A 93 2.91 14.05 -24.85
CA ARG A 93 2.15 14.37 -26.05
C ARG A 93 0.73 13.85 -25.92
N MET A 94 -0.25 14.74 -26.07
CA MET A 94 -1.65 14.35 -26.08
C MET A 94 -2.09 14.12 -27.52
N LEU A 95 -2.44 12.88 -27.86
CA LEU A 95 -2.81 12.56 -29.22
C LEU A 95 -4.26 12.93 -29.52
N SER A 96 -5.18 12.69 -28.58
CA SER A 96 -6.59 12.89 -28.86
C SER A 96 -7.34 13.09 -27.55
N TYR A 97 -8.64 13.33 -27.67
CA TYR A 97 -9.51 13.46 -26.50
C TYR A 97 -10.95 13.31 -26.93
N PHE A 98 -11.76 12.68 -26.08
CA PHE A 98 -13.16 12.40 -26.39
C PHE A 98 -13.92 12.22 -25.08
N THR A 99 -15.19 11.85 -25.18
CA THR A 99 -16.04 11.60 -24.02
C THR A 99 -16.67 10.22 -24.18
N HIS A 100 -16.46 9.36 -23.20
CA HIS A 100 -17.01 8.01 -23.20
C HIS A 100 -18.25 7.97 -22.32
N VAL A 101 -19.38 7.59 -22.89
CA VAL A 101 -20.61 7.43 -22.13
C VAL A 101 -20.71 5.99 -21.66
N SER A 102 -21.23 5.80 -20.45
CA SER A 102 -21.32 4.49 -19.84
C SER A 102 -22.71 3.89 -20.05
N GLN A 103 -22.84 2.62 -19.65
CA GLN A 103 -24.13 1.95 -19.74
C GLN A 103 -25.18 2.60 -18.85
N GLN A 104 -24.75 3.30 -17.81
CA GLN A 104 -25.64 3.94 -16.85
C GLN A 104 -25.82 5.42 -17.15
N GLY A 105 -25.41 5.87 -18.34
CA GLY A 105 -25.51 7.27 -18.70
C GLY A 105 -24.39 8.15 -18.18
N ASN A 106 -23.39 7.58 -17.52
CA ASN A 106 -22.28 8.37 -17.00
C ASN A 106 -21.33 8.77 -18.11
N ALA A 107 -20.96 10.05 -18.15
CA ALA A 107 -20.05 10.60 -19.14
C ALA A 107 -18.69 10.85 -18.50
N HIS A 108 -17.64 10.28 -19.08
CA HIS A 108 -16.28 10.43 -18.60
C HIS A 108 -15.42 11.07 -19.68
N VAL A 109 -14.66 12.10 -19.30
CA VAL A 109 -13.69 12.67 -20.22
C VAL A 109 -12.51 11.71 -20.38
N CYS A 110 -12.00 11.60 -21.60
CA CYS A 110 -10.87 10.72 -21.88
C CYS A 110 -9.83 11.47 -22.68
N LEU A 111 -8.59 11.41 -22.23
CA LEU A 111 -7.46 11.97 -22.95
C LEU A 111 -6.56 10.84 -23.43
N VAL A 112 -6.23 10.84 -24.72
CA VAL A 112 -5.39 9.82 -25.32
C VAL A 112 -4.00 10.41 -25.51
N PHE A 113 -3.04 9.85 -24.78
CA PHE A 113 -1.64 10.25 -24.81
C PHE A 113 -0.80 9.17 -25.50
N GLU A 114 0.41 9.56 -25.87
CA GLU A 114 1.45 8.61 -26.21
C GLU A 114 1.66 7.62 -25.07
N HIS A 115 1.96 6.38 -25.43
CA HIS A 115 2.13 5.32 -24.44
C HIS A 115 3.56 5.35 -23.90
N LEU A 116 3.68 5.62 -22.61
CA LEU A 116 4.97 5.72 -21.94
C LEU A 116 5.16 4.56 -20.95
N GLY A 117 6.34 4.50 -20.37
CA GLY A 117 6.67 3.46 -19.42
C GLY A 117 6.24 3.81 -18.01
N PRO A 118 6.93 3.25 -17.03
CA PRO A 118 6.54 3.44 -15.64
C PRO A 118 6.99 4.80 -15.12
N SER A 119 6.45 5.16 -13.95
CA SER A 119 6.79 6.43 -13.34
C SER A 119 8.09 6.33 -12.56
N LEU A 120 8.61 7.50 -12.17
CA LEU A 120 9.76 7.54 -11.29
C LEU A 120 9.43 6.91 -9.94
N PHE A 121 8.20 7.10 -9.48
CA PHE A 121 7.75 6.41 -8.27
C PHE A 121 7.75 4.91 -8.45
N ASP A 122 7.32 4.44 -9.63
CA ASP A 122 7.37 3.01 -9.92
C ASP A 122 8.80 2.49 -9.84
N VAL A 123 9.75 3.26 -10.36
CA VAL A 123 11.15 2.85 -10.31
C VAL A 123 11.63 2.78 -8.86
N LEU A 124 11.34 3.82 -8.08
CA LEU A 124 11.77 3.83 -6.69
C LEU A 124 11.19 2.66 -5.91
N MET A 125 9.93 2.32 -6.17
CA MET A 125 9.31 1.19 -5.46
C MET A 125 9.92 -0.13 -5.90
N ARG A 126 10.06 -0.34 -7.22
CA ARG A 126 10.56 -1.61 -7.74
C ARG A 126 11.95 -1.93 -7.19
N ASN A 127 12.75 -0.91 -6.89
CA ASN A 127 14.05 -1.10 -6.27
C ASN A 127 14.00 -1.01 -4.74
N HIS A 128 12.82 -1.21 -4.15
CA HIS A 128 12.65 -1.24 -2.70
C HIS A 128 13.06 0.09 -2.06
N PHE A 129 12.81 1.18 -2.77
CA PHE A 129 13.03 2.54 -2.27
C PHE A 129 14.49 2.78 -1.90
N ARG A 130 15.39 2.05 -2.54
CA ARG A 130 16.81 2.30 -2.35
C ARG A 130 17.21 3.58 -3.08
N PRO A 131 18.15 4.34 -2.51
CA PRO A 131 18.55 5.61 -3.16
C PRO A 131 18.92 5.43 -4.62
N LEU A 132 18.39 6.34 -5.45
CA LEU A 132 18.69 6.39 -6.88
C LEU A 132 20.10 6.96 -7.09
N PRO A 133 20.93 6.30 -7.90
CA PRO A 133 22.31 6.77 -8.09
C PRO A 133 22.37 8.20 -8.60
N VAL A 134 23.43 8.90 -8.22
CA VAL A 134 23.53 10.34 -8.52
C VAL A 134 23.57 10.63 -10.00
N PRO A 135 24.26 9.85 -10.86
CA PRO A 135 24.22 10.18 -12.30
C PRO A 135 22.83 10.05 -12.93
N ILE A 136 22.08 9.01 -12.60
CA ILE A 136 20.71 8.89 -13.10
C ILE A 136 19.85 10.00 -12.52
N LEU A 137 20.04 10.30 -11.23
CA LEU A 137 19.37 11.44 -10.62
C LEU A 137 19.63 12.71 -11.42
N ARG A 138 20.88 12.92 -11.83
CA ARG A 138 21.24 14.13 -12.56
C ARG A 138 20.58 14.17 -13.94
N ALA A 139 20.59 13.04 -14.65
CA ALA A 139 19.94 13.00 -15.96
C ALA A 139 18.46 13.34 -15.84
N VAL A 140 17.77 12.68 -14.90
CA VAL A 140 16.35 12.92 -14.71
C VAL A 140 16.09 14.36 -14.31
N ALA A 141 16.90 14.89 -13.39
CA ALA A 141 16.70 16.24 -12.90
C ALA A 141 16.95 17.27 -14.01
N ARG A 142 17.94 17.01 -14.87
CA ARG A 142 18.19 17.92 -15.97
C ARG A 142 17.02 17.95 -16.94
N GLN A 143 16.49 16.77 -17.30
CA GLN A 143 15.37 16.76 -18.24
C GLN A 143 14.10 17.35 -17.62
N LEU A 144 13.86 17.06 -16.35
CA LEU A 144 12.72 17.64 -15.64
C LEU A 144 12.85 19.16 -15.51
N LEU A 145 14.06 19.64 -15.22
CA LEU A 145 14.30 21.06 -15.16
C LEU A 145 14.14 21.73 -16.52
N GLU A 146 14.50 21.01 -17.59
CA GLU A 146 14.26 21.53 -18.93
C GLU A 146 12.77 21.67 -19.20
N ALA A 147 11.98 20.68 -18.77
CA ALA A 147 10.53 20.78 -18.94
C ALA A 147 9.96 21.94 -18.13
N ILE A 148 10.43 22.11 -16.89
CA ILE A 148 9.91 23.18 -16.05
C ILE A 148 10.30 24.54 -16.63
N THR A 149 11.53 24.66 -17.14
CA THR A 149 11.95 25.88 -17.82
C THR A 149 11.04 26.17 -19.00
N PHE A 150 10.79 25.14 -19.82
CA PHE A 150 9.87 25.28 -20.95
C PHE A 150 8.54 25.86 -20.49
N LEU A 151 7.86 25.17 -19.58
CA LEU A 151 6.58 25.64 -19.07
C LEU A 151 6.67 27.08 -18.57
N HIS A 152 7.46 27.30 -17.52
CA HIS A 152 7.48 28.59 -16.84
C HIS A 152 7.81 29.73 -17.79
N GLU A 153 8.87 29.58 -18.59
CA GLU A 153 9.44 30.72 -19.29
C GLU A 153 9.01 30.83 -20.75
N HIS A 154 8.67 29.73 -21.43
CA HIS A 154 8.14 29.80 -22.79
C HIS A 154 6.62 29.76 -22.84
N ASN A 155 5.94 29.47 -21.73
CA ASN A 155 4.49 29.42 -21.74
C ASN A 155 3.83 30.10 -20.56
N GLN A 156 4.60 30.56 -19.56
CA GLN A 156 4.03 31.18 -18.36
C GLN A 156 3.01 30.27 -17.68
N ILE A 157 3.31 28.98 -17.69
CA ILE A 157 2.45 27.96 -17.08
C ILE A 157 3.16 27.39 -15.87
N VAL A 158 2.41 27.18 -14.79
CA VAL A 158 2.92 26.54 -13.59
C VAL A 158 2.22 25.20 -13.42
N HIS A 159 2.98 24.17 -13.03
CA HIS A 159 2.46 22.81 -13.03
C HIS A 159 1.74 22.49 -11.72
N THR A 160 2.34 22.89 -10.59
CA THR A 160 1.82 22.73 -9.23
C THR A 160 1.83 21.28 -8.75
N ASP A 161 1.93 20.31 -9.66
CA ASP A 161 1.88 18.92 -9.18
C ASP A 161 3.14 18.14 -9.53
N ILE A 162 4.30 18.73 -9.28
CA ILE A 162 5.58 18.04 -9.51
C ILE A 162 5.74 16.98 -8.44
N LYS A 163 5.66 15.72 -8.84
CA LYS A 163 5.79 14.58 -7.93
C LYS A 163 6.40 13.43 -8.72
N PRO A 164 7.02 12.46 -8.04
CA PRO A 164 7.62 11.34 -8.77
C PRO A 164 6.62 10.56 -9.61
N GLU A 165 5.34 10.54 -9.23
CA GLU A 165 4.33 9.84 -10.02
C GLU A 165 4.08 10.49 -11.37
N ASN A 166 4.40 11.78 -11.52
CA ASN A 166 4.15 12.51 -12.75
C ASN A 166 5.41 12.66 -13.61
N VAL A 167 6.42 11.85 -13.36
CA VAL A 167 7.59 11.75 -14.24
C VAL A 167 7.65 10.32 -14.74
N LEU A 168 7.52 10.14 -16.05
CA LEU A 168 7.47 8.81 -16.64
C LEU A 168 8.71 8.53 -17.48
N ILE A 169 9.04 7.25 -17.59
CA ILE A 169 10.19 6.80 -18.37
C ILE A 169 9.74 6.55 -19.80
N VAL A 170 10.43 7.14 -20.76
CA VAL A 170 10.21 6.83 -22.18
C VAL A 170 10.63 5.38 -22.39
N PRO A 171 9.76 4.53 -22.90
CA PRO A 171 10.06 3.09 -22.93
C PRO A 171 11.33 2.73 -23.69
N SER A 172 11.71 3.53 -24.69
CA SER A 172 12.94 3.25 -25.43
C SER A 172 14.15 3.25 -24.51
N SER A 173 14.16 4.13 -23.51
CA SER A 173 15.22 4.10 -22.51
C SER A 173 15.09 2.87 -21.62
N TYR A 174 13.87 2.48 -21.28
CA TYR A 174 13.65 1.31 -20.45
C TYR A 174 14.13 0.05 -21.15
N TYR A 175 14.37 -0.98 -20.37
CA TYR A 175 14.93 -2.23 -20.87
C TYR A 175 14.26 -3.40 -20.17
N PRO A 176 14.21 -4.57 -20.83
CA PRO A 176 13.59 -5.74 -20.19
C PRO A 176 14.22 -6.14 -18.86
N ASN A 177 15.49 -5.79 -18.62
CA ASN A 177 16.06 -6.01 -17.29
C ASN A 177 15.54 -5.01 -16.27
N ARG A 178 14.74 -4.03 -16.70
CA ARG A 178 13.99 -3.14 -15.81
C ARG A 178 14.90 -2.36 -14.86
N GLN A 179 16.12 -2.06 -15.31
CA GLN A 179 17.08 -1.25 -14.56
C GLN A 179 17.46 -0.06 -15.43
N ILE A 180 17.02 1.13 -15.03
CA ILE A 180 17.30 2.33 -15.81
C ILE A 180 18.75 2.76 -15.60
N THR A 181 19.30 3.44 -16.61
CA THR A 181 20.66 3.93 -16.61
C THR A 181 20.66 5.44 -16.73
N GLU A 182 21.86 6.02 -16.84
CA GLU A 182 21.99 7.46 -16.97
C GLU A 182 21.56 7.98 -18.33
N HIS A 183 21.21 7.10 -19.26
CA HIS A 183 20.71 7.50 -20.57
C HIS A 183 19.19 7.52 -20.62
N VAL A 184 18.53 7.38 -19.47
CA VAL A 184 17.08 7.32 -19.42
C VAL A 184 16.49 8.64 -19.94
N GLN A 185 15.37 8.53 -20.64
CA GLN A 185 14.61 9.67 -21.12
C GLN A 185 13.26 9.71 -20.42
N VAL A 186 12.89 10.89 -19.92
CA VAL A 186 11.69 11.04 -19.11
C VAL A 186 10.76 12.07 -19.72
N ARG A 187 9.49 11.98 -19.35
CA ARG A 187 8.46 12.93 -19.75
C ARG A 187 7.65 13.35 -18.53
N LEU A 188 7.36 14.65 -18.46
CA LEU A 188 6.48 15.19 -17.42
C LEU A 188 5.03 15.12 -17.87
N ILE A 189 4.16 14.67 -16.98
CA ILE A 189 2.76 14.44 -17.30
C ILE A 189 1.87 15.18 -16.31
N ASP A 190 0.56 15.02 -16.50
CA ASP A 190 -0.49 15.51 -15.62
C ASP A 190 -0.53 17.03 -15.59
N PHE A 191 -1.30 17.62 -16.49
CA PHE A 191 -1.52 19.06 -16.50
C PHE A 191 -2.94 19.41 -16.09
N GLY A 192 -3.59 18.53 -15.33
CA GLY A 192 -4.93 18.78 -14.83
C GLY A 192 -5.02 19.74 -13.67
N SER A 193 -3.89 20.17 -13.12
CA SER A 193 -3.86 21.16 -12.06
C SER A 193 -3.10 22.42 -12.45
N ALA A 194 -2.59 22.49 -13.68
CA ALA A 194 -1.74 23.57 -14.10
C ALA A 194 -2.55 24.86 -14.31
N SER A 195 -1.85 25.99 -14.21
CA SER A 195 -2.46 27.30 -14.37
C SER A 195 -1.56 28.18 -15.22
N ARG A 196 -2.19 28.98 -16.07
CA ARG A 196 -1.48 30.02 -16.83
C ARG A 196 -1.38 31.28 -15.99
N LEU A 197 -0.18 31.84 -15.90
CA LEU A 197 0.07 33.00 -15.05
C LEU A 197 0.34 34.26 -15.85
N ASP A 198 0.01 34.27 -17.14
CA ASP A 198 0.37 35.42 -17.98
C ASP A 198 -0.45 36.66 -17.62
N LYS A 199 -1.64 36.48 -17.06
CA LYS A 199 -2.49 37.60 -16.67
C LYS A 199 -2.59 37.79 -15.17
N VAL A 200 -2.67 36.70 -14.41
CA VAL A 200 -2.65 36.75 -12.95
C VAL A 200 -1.55 35.79 -12.50
N SER A 201 -0.46 36.34 -11.96
CA SER A 201 0.72 35.54 -11.68
C SER A 201 0.77 35.02 -10.24
N VAL A 202 -0.08 35.50 -9.34
CA VAL A 202 -0.09 35.08 -7.95
C VAL A 202 -1.49 34.57 -7.60
N ARG A 203 -1.56 33.36 -7.05
CA ARG A 203 -2.82 32.73 -6.66
C ARG A 203 -2.78 32.38 -5.18
N HIS A 204 -3.91 31.90 -4.66
CA HIS A 204 -4.01 31.54 -3.24
C HIS A 204 -4.76 30.24 -3.00
N ALA A 205 -5.18 29.53 -4.06
CA ALA A 205 -5.90 28.29 -3.85
C ALA A 205 -4.96 27.17 -3.40
N ILE A 206 -5.52 26.22 -2.66
CA ILE A 206 -4.73 25.08 -2.19
C ILE A 206 -4.42 24.17 -3.37
N VAL A 207 -3.15 24.06 -3.72
CA VAL A 207 -2.70 23.20 -4.79
C VAL A 207 -1.57 22.31 -4.27
N SER A 208 -1.00 21.52 -5.18
CA SER A 208 0.12 20.61 -4.91
C SER A 208 -0.28 19.43 -4.03
N THR A 209 0.28 18.26 -4.34
CA THR A 209 0.21 17.13 -3.42
C THR A 209 0.87 17.51 -2.11
N ARG A 210 0.25 17.10 -1.00
CA ARG A 210 0.71 17.47 0.34
C ARG A 210 2.22 17.39 0.49
N HIS A 211 2.81 16.23 0.18
CA HIS A 211 4.21 16.00 0.46
C HIS A 211 5.13 16.95 -0.30
N TYR A 212 4.64 17.59 -1.36
CA TYR A 212 5.46 18.46 -2.19
C TYR A 212 4.92 19.89 -2.19
N ARG A 213 4.05 20.21 -1.23
CA ARG A 213 3.39 21.51 -1.19
C ARG A 213 4.32 22.56 -0.60
N ALA A 214 4.44 23.70 -1.29
CA ALA A 214 5.34 24.76 -0.87
C ALA A 214 4.75 25.51 0.32
N PRO A 215 5.61 26.01 1.22
CA PRO A 215 5.10 26.65 2.45
C PRO A 215 4.23 27.87 2.19
N GLU A 216 4.49 28.66 1.15
CA GLU A 216 3.64 29.82 0.89
C GLU A 216 2.20 29.41 0.59
N ILE A 217 2.00 28.22 0.03
CA ILE A 217 0.64 27.74 -0.21
C ILE A 217 -0.08 27.51 1.12
N ILE A 218 0.61 26.91 2.08
CA ILE A 218 0.00 26.68 3.39
C ILE A 218 -0.25 27.99 4.11
N LEU A 219 0.74 28.89 4.10
CA LEU A 219 0.70 30.10 4.93
C LEU A 219 -0.24 31.16 4.36
N GLY A 220 -0.44 31.18 3.06
CA GLY A 220 -1.36 32.12 2.44
C GLY A 220 -0.77 33.42 1.93
N THR A 221 0.54 33.48 1.72
CA THR A 221 1.19 34.69 1.21
C THR A 221 1.29 34.72 -0.31
N GLY A 222 0.41 33.99 -1.01
CA GLY A 222 0.41 33.98 -2.46
C GLY A 222 1.50 33.14 -3.09
N TRP A 223 1.10 32.17 -3.93
CA TRP A 223 2.07 31.34 -4.62
C TRP A 223 2.10 31.68 -6.11
N SER A 224 3.19 31.29 -6.76
CA SER A 224 3.38 31.52 -8.19
C SER A 224 4.25 30.42 -8.79
N PHE A 225 5.15 30.78 -9.70
CA PHE A 225 6.01 29.78 -10.32
C PHE A 225 6.93 29.12 -9.29
N ALA A 226 7.41 29.90 -8.32
CA ALA A 226 8.42 29.43 -7.39
C ALA A 226 8.01 28.14 -6.69
N CYS A 227 6.70 27.93 -6.48
CA CYS A 227 6.27 26.74 -5.76
C CYS A 227 6.73 25.47 -6.46
N ASP A 228 6.68 25.45 -7.79
CA ASP A 228 7.18 24.29 -8.53
C ASP A 228 8.61 23.97 -8.14
N ILE A 229 9.46 24.99 -8.04
CA ILE A 229 10.85 24.77 -7.67
C ILE A 229 10.94 24.06 -6.33
N TRP A 230 10.13 24.50 -5.35
CA TRP A 230 10.10 23.80 -4.07
C TRP A 230 9.79 22.33 -4.27
N SER A 231 8.71 22.04 -5.00
CA SER A 231 8.38 20.66 -5.30
C SER A 231 9.58 19.95 -5.91
N PHE A 232 10.20 20.58 -6.91
CA PHE A 232 11.37 20.00 -7.55
C PHE A 232 12.40 19.63 -6.49
N GLY A 233 12.73 20.59 -5.62
CA GLY A 233 13.68 20.32 -4.56
C GLY A 233 13.30 19.09 -3.76
N ALA A 234 12.05 19.04 -3.31
CA ALA A 234 11.58 17.89 -2.55
C ALA A 234 11.85 16.61 -3.33
N LEU A 235 11.42 16.58 -4.59
CA LEU A 235 11.62 15.39 -5.42
C LEU A 235 13.07 14.98 -5.43
N LEU A 236 13.98 15.94 -5.60
CA LEU A 236 15.39 15.60 -5.66
C LEU A 236 15.82 14.91 -4.38
N VAL A 237 15.48 15.49 -3.23
CA VAL A 237 15.86 14.86 -1.96
C VAL A 237 15.33 13.43 -1.91
N GLU A 238 14.09 13.25 -2.36
CA GLU A 238 13.50 11.91 -2.38
C GLU A 238 14.35 10.97 -3.22
N CYS A 239 14.73 11.39 -4.43
CA CYS A 239 15.55 10.56 -5.28
C CYS A 239 16.89 10.25 -4.63
N TYR A 240 17.38 11.15 -3.77
CA TYR A 240 18.67 10.89 -3.14
C TYR A 240 18.56 9.84 -2.05
N THR A 241 17.38 9.71 -1.42
CA THR A 241 17.23 8.80 -0.29
C THR A 241 16.25 7.66 -0.56
N GLY A 242 15.44 7.75 -1.62
CA GLY A 242 14.40 6.79 -1.86
C GLY A 242 13.19 6.94 -0.98
N GLN A 243 13.17 7.93 -0.08
CA GLN A 243 12.09 8.12 0.87
C GLN A 243 11.44 9.49 0.70
N THR A 244 10.15 9.55 0.93
CA THR A 244 9.43 10.82 0.93
C THR A 244 9.98 11.73 2.03
N LEU A 245 10.25 12.99 1.66
CA LEU A 245 10.89 13.91 2.59
C LEU A 245 9.92 14.31 3.71
N PHE A 246 8.77 14.88 3.35
CA PHE A 246 7.80 15.35 4.32
C PHE A 246 6.66 14.34 4.43
N GLN A 247 6.68 13.56 5.51
CA GLN A 247 5.70 12.49 5.74
C GLN A 247 4.76 12.96 6.84
N SER A 248 3.77 13.76 6.47
CA SER A 248 2.80 14.33 7.39
C SER A 248 1.63 14.89 6.61
N HIS A 249 0.44 14.82 7.20
CA HIS A 249 -0.76 15.41 6.62
C HIS A 249 -1.37 16.49 7.52
N ASP A 250 -0.57 17.03 8.44
CA ASP A 250 -0.98 18.13 9.30
C ASP A 250 -0.16 19.37 8.96
N ASP A 251 -0.81 20.52 8.93
CA ASP A 251 -0.12 21.74 8.53
C ASP A 251 0.92 22.18 9.54
N LEU A 252 0.58 22.16 10.83
CA LEU A 252 1.53 22.54 11.86
C LEU A 252 2.75 21.62 11.84
N GLU A 253 2.51 20.31 11.78
CA GLU A 253 3.62 19.36 11.75
C GLU A 253 4.44 19.50 10.47
N HIS A 254 3.77 19.79 9.34
CA HIS A 254 4.48 19.96 8.08
C HIS A 254 5.40 21.18 8.13
N LEU A 255 4.89 22.30 8.61
CA LEU A 255 5.71 23.50 8.72
C LEU A 255 6.85 23.30 9.71
N GLN A 256 6.60 22.55 10.80
CA GLN A 256 7.68 22.27 11.73
C GLN A 256 8.75 21.38 11.10
N LEU A 257 8.33 20.41 10.29
CA LEU A 257 9.30 19.57 9.60
C LEU A 257 10.13 20.40 8.63
N MET A 258 9.50 21.34 7.94
CA MET A 258 10.25 22.27 7.10
C MET A 258 11.29 23.02 7.92
N GLN A 259 10.85 23.60 9.04
CA GLN A 259 11.75 24.37 9.89
C GLN A 259 12.90 23.52 10.40
N LYS A 260 12.63 22.25 10.71
CA LYS A 260 13.67 21.37 11.23
C LYS A 260 14.67 20.97 10.15
N LEU A 261 14.17 20.64 8.96
CA LEU A 261 15.06 20.29 7.85
C LEU A 261 16.03 21.41 7.52
N LEU A 262 15.61 22.66 7.72
CA LEU A 262 16.39 23.82 7.28
C LEU A 262 16.75 24.75 8.45
N GLN A 263 16.76 24.24 9.68
N GLN A 263 16.78 24.25 9.68
CA GLN A 263 17.04 25.09 10.83
CA GLN A 263 17.04 25.13 10.82
C GLN A 263 18.44 25.69 10.75
C GLN A 263 18.45 25.69 10.79
N HIS A 264 19.43 24.87 10.42
CA HIS A 264 20.82 25.32 10.33
C HIS A 264 21.19 25.82 8.94
N GLU A 265 20.19 26.11 8.11
CA GLU A 265 20.40 26.83 6.86
C GLU A 265 20.18 28.33 7.11
N ASN A 266 21.10 29.14 6.63
CA ASN A 266 21.12 30.56 6.91
C ASN A 266 19.83 31.26 6.48
N GLY A 267 19.05 31.73 7.45
CA GLY A 267 17.91 32.58 7.15
C GLY A 267 16.65 31.85 6.73
N GLU A 268 16.44 30.63 7.19
CA GLU A 268 15.26 29.85 6.85
C GLU A 268 14.44 29.65 8.12
N VAL A 269 13.42 30.50 8.30
CA VAL A 269 12.55 30.44 9.47
C VAL A 269 11.10 30.58 8.99
N ILE A 270 10.22 29.70 9.46
CA ILE A 270 8.81 29.79 9.14
C ILE A 270 8.22 31.04 9.77
N VAL A 271 7.70 31.93 8.95
CA VAL A 271 7.18 33.21 9.41
C VAL A 271 5.68 33.28 9.08
N PRO A 272 4.84 33.73 10.00
CA PRO A 272 3.39 33.81 9.73
C PRO A 272 3.09 34.85 8.67
N PRO A 273 1.93 34.76 8.02
CA PRO A 273 1.55 35.76 7.01
C PRO A 273 1.18 37.07 7.67
N PRO A 274 1.16 38.17 6.92
CA PRO A 274 0.64 39.43 7.48
C PRO A 274 -0.84 39.29 7.80
N ARG A 275 -1.22 39.77 8.97
CA ARG A 275 -2.61 39.63 9.41
C ARG A 275 -3.49 40.56 8.57
N PRO A 276 -4.52 40.06 7.92
CA PRO A 276 -5.37 40.90 7.07
C PRO A 276 -6.34 41.71 7.92
N SER A 277 -7.09 42.58 7.26
CA SER A 277 -8.11 43.34 7.98
C SER A 277 -9.30 42.43 8.32
N PRO A 278 -10.00 42.73 9.42
CA PRO A 278 -11.19 41.93 9.75
C PRO A 278 -12.26 42.01 8.68
N SER A 279 -12.34 43.13 7.96
CA SER A 279 -13.27 43.31 6.85
C SER A 279 -12.70 42.80 5.54
N SER A 280 -12.06 41.63 5.55
CA SER A 280 -11.49 41.03 4.35
C SER A 280 -12.10 39.64 4.18
N THR A 281 -12.78 39.43 3.05
CA THR A 281 -13.46 38.18 2.77
C THR A 281 -12.81 37.40 1.63
N SER A 282 -11.64 37.82 1.18
CA SER A 282 -10.98 37.13 0.07
C SER A 282 -10.52 35.73 0.49
N MET A 283 -10.40 34.85 -0.51
CA MET A 283 -9.87 33.52 -0.27
C MET A 283 -8.50 33.59 0.41
N GLY A 284 -7.65 34.51 -0.05
CA GLY A 284 -6.34 34.66 0.55
C GLY A 284 -6.39 35.04 2.01
N SER A 285 -7.30 35.96 2.36
CA SER A 285 -7.41 36.37 3.77
C SER A 285 -7.92 35.23 4.64
N GLN A 286 -8.82 34.40 4.11
CA GLN A 286 -9.32 33.27 4.88
C GLN A 286 -8.20 32.24 5.11
N ARG A 287 -7.40 31.98 4.07
CA ARG A 287 -6.25 31.11 4.25
C ARG A 287 -5.28 31.69 5.26
N ARG A 288 -5.04 33.01 5.21
CA ARG A 288 -4.14 33.65 6.16
C ARG A 288 -4.65 33.52 7.59
N ARG A 289 -5.97 33.62 7.78
CA ARG A 289 -6.53 33.45 9.12
C ARG A 289 -6.34 32.03 9.62
N GLU A 290 -6.66 31.05 8.78
CA GLU A 290 -6.44 29.66 9.16
C GLU A 290 -4.97 29.38 9.46
N ALA A 291 -4.07 30.05 8.75
CA ALA A 291 -2.64 29.84 8.98
C ALA A 291 -2.19 30.51 10.28
N LEU A 292 -2.64 31.74 10.52
CA LEU A 292 -2.33 32.41 11.77
C LEU A 292 -2.82 31.63 12.97
N LYS A 293 -3.92 30.88 12.80
CA LYS A 293 -4.36 29.99 13.87
C LYS A 293 -3.30 28.95 14.25
N LEU A 294 -2.25 28.79 13.44
CA LEU A 294 -1.18 27.85 13.72
C LEU A 294 0.00 28.50 14.43
N PHE A 295 -0.05 29.80 14.70
CA PHE A 295 1.08 30.52 15.28
C PHE A 295 0.69 31.12 16.62
N ARG A 296 1.71 31.37 17.44
CA ARG A 296 1.54 32.05 18.72
C ARG A 296 2.66 33.08 18.86
N ASP A 297 2.29 34.36 18.83
CA ASP A 297 3.25 35.46 18.99
C ASP A 297 4.37 35.39 17.97
N GLY A 298 4.02 35.02 16.73
CA GLY A 298 4.97 34.99 15.65
C GLY A 298 5.74 33.69 15.51
N ARG A 299 5.72 32.81 16.49
CA ARG A 299 6.39 31.53 16.40
C ARG A 299 5.38 30.43 16.08
N LEU A 300 5.87 29.41 15.39
CA LEU A 300 5.04 28.25 15.06
C LEU A 300 4.65 27.52 16.34
N ASN A 301 3.35 27.35 16.56
CA ASN A 301 2.86 26.78 17.82
C ASN A 301 3.12 25.28 17.88
N TRP A 302 4.40 24.88 17.83
CA TRP A 302 4.78 23.49 17.95
C TRP A 302 5.72 23.30 19.13
N PRO A 303 5.58 22.22 19.90
CA PRO A 303 4.60 21.13 19.73
C PRO A 303 3.29 21.32 20.49
N GLU A 304 3.15 22.41 21.24
CA GLU A 304 1.98 22.58 22.09
C GLU A 304 0.70 22.67 21.27
N GLY A 305 0.80 23.09 20.02
CA GLY A 305 -0.39 23.19 19.17
C GLY A 305 -0.89 21.89 18.59
N ILE A 306 -0.12 20.81 18.74
CA ILE A 306 -0.53 19.52 18.17
C ILE A 306 -1.76 19.00 18.89
N ASP A 307 -1.78 19.09 20.22
CA ASP A 307 -2.96 18.75 21.02
C ASP A 307 -3.13 19.89 22.01
N GLU A 308 -3.84 20.95 21.60
CA GLU A 308 -3.99 22.11 22.45
C GLU A 308 -4.72 21.78 23.75
N GLN A 309 -5.87 21.10 23.64
CA GLN A 309 -6.69 20.85 24.82
C GLN A 309 -6.00 19.88 25.79
N SER A 310 -5.33 18.85 25.25
CA SER A 310 -4.74 17.83 26.10
C SER A 310 -3.41 18.31 26.67
N ALA A 311 -3.26 18.23 27.99
CA ALA A 311 -1.99 18.56 28.61
C ALA A 311 -0.97 17.44 28.46
N ASN A 312 -1.43 16.20 28.35
CA ASN A 312 -0.55 15.04 28.18
C ASN A 312 -1.12 14.20 27.04
N SER A 313 -0.52 14.34 25.86
CA SER A 313 -1.06 13.75 24.64
C SER A 313 -0.07 12.77 24.03
N LEU A 314 -0.58 11.64 23.55
CA LEU A 314 0.25 10.69 22.82
C LEU A 314 0.51 11.15 21.39
N ALA A 315 -0.46 11.84 20.78
CA ALA A 315 -0.25 12.37 19.43
C ALA A 315 0.87 13.41 19.42
N ARG A 316 0.93 14.26 20.45
CA ARG A 316 2.00 15.24 20.53
C ARG A 316 3.35 14.56 20.70
N GLN A 317 3.41 13.49 21.50
CA GLN A 317 4.66 12.77 21.68
C GLN A 317 5.11 12.12 20.38
N LYS A 318 4.16 11.56 19.63
CA LYS A 318 4.53 10.97 18.34
C LYS A 318 4.97 12.05 17.35
N SER A 319 4.37 13.24 17.42
CA SER A 319 4.82 14.32 16.56
C SER A 319 6.24 14.76 16.93
N ILE A 320 6.53 14.82 18.23
CA ILE A 320 7.89 15.13 18.69
C ILE A 320 8.88 14.11 18.15
N ARG A 321 8.55 12.82 18.25
CA ARG A 321 9.43 11.77 17.74
C ARG A 321 9.62 11.91 16.23
N ARG A 322 8.53 12.16 15.49
CA ARG A 322 8.61 12.24 14.04
C ARG A 322 9.44 13.43 13.59
N VAL A 323 9.33 14.56 14.30
CA VAL A 323 10.15 15.72 13.96
C VAL A 323 11.61 15.49 14.34
N ALA A 324 11.86 14.77 15.45
CA ALA A 324 13.23 14.43 15.79
C ALA A 324 13.87 13.55 14.72
N ARG A 325 13.10 12.62 14.16
CA ARG A 325 13.62 11.75 13.11
C ARG A 325 13.93 12.51 11.82
N MET A 326 13.42 13.72 11.66
CA MET A 326 13.70 14.49 10.45
C MET A 326 15.13 15.00 10.47
N PRO A 327 15.96 14.65 9.50
CA PRO A 327 17.36 15.10 9.52
C PRO A 327 17.50 16.54 9.09
N GLU A 328 18.63 17.13 9.48
CA GLU A 328 19.02 18.41 8.93
C GLU A 328 19.47 18.20 7.48
N LEU A 329 19.16 19.18 6.63
CA LEU A 329 19.43 19.03 5.19
C LEU A 329 20.89 18.67 4.94
N HIS A 330 21.82 19.40 5.57
CA HIS A 330 23.23 19.20 5.29
C HIS A 330 23.70 17.80 5.67
N SER A 331 23.03 17.14 6.61
CA SER A 331 23.45 15.82 7.06
C SER A 331 22.98 14.70 6.15
N ILE A 332 22.01 14.96 5.26
CA ILE A 332 21.49 13.91 4.40
C ILE A 332 22.54 13.45 3.40
N PHE A 333 23.33 14.37 2.88
CA PHE A 333 24.18 14.08 1.74
C PHE A 333 25.60 13.73 2.18
N ARG A 334 26.19 12.74 1.51
CA ARG A 334 27.59 12.41 1.70
C ARG A 334 28.46 13.59 1.27
N PRO A 335 29.72 13.64 1.72
CA PRO A 335 30.57 14.77 1.33
C PRO A 335 30.78 14.89 -0.17
N GLU A 336 30.98 13.76 -0.86
CA GLU A 336 31.28 13.80 -2.29
C GLU A 336 30.15 14.39 -3.11
N HIS A 337 28.94 14.46 -2.56
CA HIS A 337 27.80 15.02 -3.25
C HIS A 337 27.50 16.45 -2.82
N ALA A 338 28.50 17.15 -2.26
CA ALA A 338 28.30 18.52 -1.77
C ALA A 338 27.61 19.39 -2.81
N CYS A 339 28.06 19.31 -4.08
CA CYS A 339 27.46 20.12 -5.14
C CYS A 339 25.94 19.95 -5.18
N LEU A 340 25.47 18.71 -5.18
CA LEU A 340 24.03 18.46 -5.18
C LEU A 340 23.36 19.16 -4.02
N LEU A 341 23.96 19.06 -2.82
CA LEU A 341 23.43 19.77 -1.66
C LEU A 341 23.19 21.24 -2.01
N HIS A 342 24.20 21.92 -2.56
CA HIS A 342 24.03 23.32 -2.90
C HIS A 342 22.87 23.50 -3.87
N LEU A 343 22.78 22.62 -4.88
CA LEU A 343 21.68 22.70 -5.83
C LEU A 343 20.34 22.66 -5.11
N ILE A 344 20.20 21.76 -4.13
CA ILE A 344 18.92 21.64 -3.45
C ILE A 344 18.72 22.81 -2.50
N ARG A 345 19.80 23.43 -2.03
CA ARG A 345 19.66 24.65 -1.24
C ARG A 345 19.07 25.77 -2.09
N CYS A 346 19.37 25.79 -3.39
CA CYS A 346 18.81 26.79 -4.28
C CYS A 346 17.31 26.61 -4.51
N CYS A 347 16.75 25.46 -4.13
CA CYS A 347 15.34 25.15 -4.33
C CYS A 347 14.54 25.11 -3.04
N LEU A 348 15.06 24.47 -1.99
CA LEU A 348 14.33 24.33 -0.74
C LEU A 348 14.61 25.53 0.17
N THR A 349 14.02 26.66 -0.22
CA THR A 349 13.99 27.85 0.63
C THR A 349 12.55 28.15 1.00
N ILE A 350 12.35 28.64 2.22
CA ILE A 350 11.00 28.94 2.68
C ILE A 350 10.44 30.15 1.95
N ASP A 351 11.24 31.19 1.80
CA ASP A 351 10.82 32.35 1.02
C ASP A 351 10.83 32.00 -0.46
N PRO A 352 9.69 32.01 -1.15
CA PRO A 352 9.70 31.72 -2.59
C PRO A 352 10.54 32.70 -3.38
N LEU A 353 10.68 33.95 -2.90
CA LEU A 353 11.49 34.95 -3.58
C LEU A 353 12.98 34.59 -3.61
N LYS A 354 13.42 33.63 -2.80
CA LYS A 354 14.82 33.22 -2.81
C LYS A 354 15.11 32.09 -3.78
N ARG A 355 14.11 31.30 -4.16
CA ARG A 355 14.34 30.15 -5.03
C ARG A 355 14.82 30.59 -6.41
N TRP A 356 15.73 29.79 -6.98
CA TRP A 356 16.24 30.09 -8.32
C TRP A 356 15.18 29.83 -9.39
N ARG A 357 15.36 30.48 -10.53
CA ARG A 357 14.57 30.14 -11.69
C ARG A 357 15.07 28.81 -12.27
N PRO A 358 14.21 28.06 -12.95
CA PRO A 358 14.66 26.78 -13.52
C PRO A 358 15.77 26.93 -14.55
N SER A 359 15.75 28.01 -15.33
CA SER A 359 16.83 28.27 -16.28
C SER A 359 18.15 28.51 -15.56
N GLU A 360 18.10 29.17 -14.40
CA GLU A 360 19.32 29.38 -13.63
C GLU A 360 19.80 28.08 -13.01
N LEU A 361 18.86 27.22 -12.57
CA LEU A 361 19.23 25.92 -12.01
C LEU A 361 19.85 25.02 -13.06
N LEU A 362 19.41 25.13 -14.32
CA LEU A 362 20.02 24.37 -15.40
C LEU A 362 21.47 24.77 -15.66
N ARG A 363 21.92 25.90 -15.12
CA ARG A 363 23.31 26.33 -15.26
C ARG A 363 24.11 26.10 -13.99
N HIS A 364 23.54 25.39 -13.01
CA HIS A 364 24.24 25.11 -11.78
C HIS A 364 25.43 24.18 -12.03
N PRO A 365 26.49 24.27 -11.23
CA PRO A 365 27.61 23.33 -11.36
C PRO A 365 27.20 21.87 -11.38
N PHE A 366 26.15 21.48 -10.65
CA PHE A 366 25.75 20.08 -10.59
C PHE A 366 25.43 19.53 -11.99
N PHE A 367 25.04 20.39 -12.91
CA PHE A 367 24.74 19.98 -14.28
C PHE A 367 25.86 20.29 -15.25
N MET A 368 26.32 21.54 -15.31
CA MET A 368 27.26 21.98 -16.33
C MET A 368 28.71 21.68 -15.99
N SER A 369 29.00 21.14 -14.81
CA SER A 369 30.31 20.57 -14.53
C SER A 369 30.40 19.09 -14.92
N TYR A 370 29.26 18.45 -15.19
CA TYR A 370 29.25 17.07 -15.65
C TYR A 370 29.68 17.00 -17.11
N TYR B 12 -16.92 -30.36 29.39
CA TYR B 12 -16.98 -29.70 28.08
C TYR B 12 -18.08 -28.63 28.05
N SER B 13 -19.18 -28.91 28.74
CA SER B 13 -20.30 -27.97 28.78
C SER B 13 -19.99 -26.80 29.70
N VAL B 14 -20.91 -25.83 29.70
CA VAL B 14 -20.73 -24.61 30.49
C VAL B 14 -21.03 -24.91 31.95
N GLY B 15 -20.05 -24.63 32.82
CA GLY B 15 -20.20 -24.80 34.26
C GLY B 15 -19.12 -25.67 34.88
N GLU B 16 -18.56 -26.60 34.11
CA GLU B 16 -17.52 -27.48 34.61
C GLU B 16 -16.19 -26.72 34.73
N GLY B 17 -15.16 -27.42 35.18
CA GLY B 17 -13.89 -26.79 35.46
C GLY B 17 -12.74 -27.48 34.75
N LEU B 18 -11.63 -26.76 34.67
CA LEU B 18 -10.39 -27.27 34.09
C LEU B 18 -9.22 -26.89 35.00
N GLY B 19 -8.24 -27.79 35.07
CA GLY B 19 -7.07 -27.57 35.89
C GLY B 19 -7.38 -27.58 37.38
N PRO B 20 -7.63 -28.77 37.92
CA PRO B 20 -7.95 -28.86 39.35
C PRO B 20 -6.72 -28.66 40.21
N THR B 21 -6.87 -27.87 41.26
CA THR B 21 -5.83 -27.64 42.25
C THR B 21 -6.36 -28.03 43.63
N ALA B 22 -5.44 -28.12 44.59
CA ALA B 22 -5.86 -28.38 45.96
C ALA B 22 -6.85 -27.34 46.44
N ASP B 23 -6.71 -26.09 45.98
CA ASP B 23 -7.61 -25.02 46.38
C ASP B 23 -8.93 -25.08 45.63
N PHE B 24 -8.91 -25.50 44.36
CA PHE B 24 -10.12 -25.63 43.54
C PHE B 24 -10.15 -27.03 42.96
N PRO B 25 -10.64 -28.01 43.72
CA PRO B 25 -10.55 -29.41 43.28
C PRO B 25 -11.45 -29.75 42.11
N ASN B 26 -12.36 -28.86 41.71
CA ASN B 26 -13.17 -29.06 40.53
C ASN B 26 -12.71 -28.22 39.34
N GLY B 27 -11.50 -27.68 39.41
CA GLY B 27 -10.96 -26.88 38.33
C GLY B 27 -10.73 -25.42 38.72
N ARG B 28 -9.52 -24.93 38.45
CA ARG B 28 -9.22 -23.52 38.69
C ARG B 28 -9.97 -22.64 37.70
N TYR B 29 -10.13 -23.08 36.46
CA TYR B 29 -10.78 -22.31 35.42
C TYR B 29 -12.19 -22.84 35.22
N GLN B 30 -13.18 -22.02 35.56
CA GLN B 30 -14.59 -22.36 35.35
C GLN B 30 -14.99 -21.92 33.95
N ILE B 31 -15.52 -22.86 33.16
CA ILE B 31 -15.92 -22.55 31.79
C ILE B 31 -17.20 -21.74 31.81
N LEU B 32 -17.18 -20.60 31.11
CA LEU B 32 -18.32 -19.70 31.03
C LEU B 32 -19.01 -19.72 29.67
N ALA B 33 -18.27 -19.70 28.58
CA ALA B 33 -18.88 -19.58 27.26
C ALA B 33 -18.01 -20.29 26.23
N PRO B 34 -18.59 -20.68 25.09
CA PRO B 34 -17.77 -21.19 23.98
C PRO B 34 -17.29 -20.06 23.08
N LEU B 35 -16.00 -20.07 22.74
CA LEU B 35 -15.40 -19.02 21.91
C LEU B 35 -15.14 -19.50 20.49
N GLY B 36 -14.35 -20.56 20.34
CA GLY B 36 -14.03 -21.10 19.03
C GLY B 36 -13.99 -22.61 19.06
N SER B 37 -13.82 -23.19 17.88
CA SER B 37 -13.78 -24.65 17.75
C SER B 37 -12.91 -25.01 16.55
N GLY B 38 -12.72 -26.31 16.36
CA GLY B 38 -11.89 -26.80 15.28
C GLY B 38 -11.52 -28.25 15.50
N THR B 39 -10.61 -28.72 14.65
CA THR B 39 -10.13 -30.10 14.77
C THR B 39 -9.15 -30.25 15.94
N PHE B 40 -8.41 -29.20 16.26
CA PHE B 40 -7.50 -29.22 17.40
C PHE B 40 -8.24 -29.52 18.70
N GLY B 41 -9.42 -28.94 18.85
CA GLY B 41 -10.17 -28.99 20.10
C GLY B 41 -11.15 -27.85 20.19
N LYS B 42 -11.10 -27.09 21.28
CA LYS B 42 -12.06 -26.00 21.45
C LYS B 42 -11.42 -24.89 22.28
N VAL B 43 -11.84 -23.65 22.00
CA VAL B 43 -11.47 -22.50 22.82
C VAL B 43 -12.71 -22.10 23.62
N VAL B 44 -12.52 -21.87 24.93
CA VAL B 44 -13.62 -21.54 25.82
C VAL B 44 -13.25 -20.32 26.66
N SER B 45 -14.19 -19.40 26.79
CA SER B 45 -14.06 -18.27 27.70
C SER B 45 -14.32 -18.75 29.13
N CYS B 46 -13.33 -18.58 30.01
CA CYS B 46 -13.34 -19.12 31.36
C CYS B 46 -13.08 -18.03 32.38
N TRP B 47 -13.39 -18.37 33.63
CA TRP B 47 -13.19 -17.51 34.78
C TRP B 47 -12.08 -18.12 35.64
N ASP B 48 -10.94 -17.44 35.71
CA ASP B 48 -9.84 -17.90 36.55
C ASP B 48 -10.22 -17.66 38.01
N ARG B 49 -10.55 -18.74 38.73
CA ARG B 49 -10.98 -18.59 40.11
C ARG B 49 -9.87 -18.10 41.02
N VAL B 50 -8.61 -18.22 40.61
CA VAL B 50 -7.50 -17.73 41.42
C VAL B 50 -7.38 -16.22 41.31
N THR B 51 -7.31 -15.70 40.08
CA THR B 51 -7.12 -14.28 39.83
C THR B 51 -8.44 -13.51 39.72
N GLU B 52 -9.57 -14.22 39.64
CA GLU B 52 -10.88 -13.61 39.46
C GLU B 52 -10.90 -12.69 38.24
N GLN B 53 -10.39 -13.23 37.12
CA GLN B 53 -10.37 -12.53 35.85
C GLN B 53 -10.94 -13.44 34.76
N LEU B 54 -11.11 -12.87 33.58
CA LEU B 54 -11.56 -13.60 32.40
C LEU B 54 -10.35 -14.02 31.58
N VAL B 55 -10.26 -15.32 31.28
CA VAL B 55 -9.18 -15.86 30.46
C VAL B 55 -9.81 -16.67 29.33
N ALA B 56 -8.98 -16.99 28.34
CA ALA B 56 -9.39 -17.82 27.22
C ALA B 56 -8.56 -19.10 27.25
N VAL B 57 -9.22 -20.24 27.34
CA VAL B 57 -8.54 -21.52 27.47
C VAL B 57 -8.72 -22.30 26.18
N LYS B 58 -7.61 -22.59 25.52
CA LYS B 58 -7.58 -23.49 24.37
C LYS B 58 -7.33 -24.90 24.89
N VAL B 59 -8.24 -25.82 24.59
CA VAL B 59 -8.18 -27.20 25.05
C VAL B 59 -8.00 -28.09 23.83
N ILE B 60 -6.86 -28.79 23.78
CA ILE B 60 -6.48 -29.64 22.67
C ILE B 60 -6.65 -31.10 23.11
N ARG B 61 -7.35 -31.87 22.30
CA ARG B 61 -7.72 -33.25 22.60
C ARG B 61 -6.52 -34.17 22.76
N ALA B 62 -6.78 -35.42 23.14
CA ALA B 62 -5.74 -36.42 23.39
C ALA B 62 -5.51 -37.22 22.10
N VAL B 63 -4.78 -36.59 21.17
CA VAL B 63 -4.45 -37.19 19.88
C VAL B 63 -2.95 -37.11 19.68
N ARG B 64 -2.40 -38.13 19.01
CA ARG B 64 -0.99 -38.11 18.66
C ARG B 64 -0.66 -36.94 17.75
N LYS B 65 -1.49 -36.70 16.74
CA LYS B 65 -1.27 -35.69 15.72
C LYS B 65 -1.26 -34.28 16.29
N TYR B 66 -1.77 -34.06 17.50
CA TYR B 66 -1.92 -32.73 18.06
C TYR B 66 -1.03 -32.44 19.27
N ALA B 67 -0.45 -33.46 19.89
CA ALA B 67 0.44 -33.23 21.02
C ALA B 67 1.70 -32.48 20.60
N GLU B 68 2.25 -32.83 19.43
CA GLU B 68 3.41 -32.10 18.90
C GLU B 68 3.04 -30.66 18.59
N ALA B 69 1.84 -30.44 18.04
CA ALA B 69 1.40 -29.07 17.76
C ALA B 69 1.28 -28.26 19.04
N ALA B 70 0.74 -28.88 20.10
CA ALA B 70 0.65 -28.19 21.38
C ALA B 70 2.02 -27.86 21.94
N ARG B 71 2.96 -28.82 21.86
CA ARG B 71 4.32 -28.58 22.34
C ARG B 71 4.97 -27.42 21.59
N MET B 72 4.89 -27.44 20.26
CA MET B 72 5.48 -26.38 19.46
C MET B 72 4.84 -25.03 19.76
N GLU B 73 3.51 -25.01 19.91
CA GLU B 73 2.81 -23.76 20.18
C GLU B 73 3.23 -23.17 21.51
N ILE B 74 3.34 -24.01 22.55
CA ILE B 74 3.76 -23.51 23.86
C ILE B 74 5.19 -23.00 23.78
N ASP B 75 6.07 -23.71 23.08
CA ASP B 75 7.46 -23.27 22.97
C ASP B 75 7.54 -21.90 22.30
N ILE B 76 6.86 -21.75 21.15
CA ILE B 76 6.85 -20.48 20.43
C ILE B 76 6.29 -19.37 21.31
N LEU B 77 5.18 -19.64 22.00
CA LEU B 77 4.55 -18.61 22.82
C LEU B 77 5.45 -18.21 23.98
N LEU B 78 6.18 -19.17 24.55
CA LEU B 78 7.10 -18.85 25.64
C LEU B 78 8.20 -17.92 25.16
N GLU B 79 8.80 -18.24 23.99
CA GLU B 79 9.83 -17.35 23.46
C GLU B 79 9.28 -15.97 23.15
N LEU B 80 8.09 -15.91 22.56
CA LEU B 80 7.48 -14.63 22.20
C LEU B 80 7.21 -13.78 23.43
N GLY B 81 6.64 -14.40 24.48
CA GLY B 81 6.38 -13.67 25.71
C GLY B 81 7.64 -13.25 26.43
N ARG B 82 8.72 -14.03 26.29
CA ARG B 82 10.00 -13.61 26.86
C ARG B 82 10.56 -12.41 26.12
N LYS B 83 10.49 -12.42 24.79
CA LYS B 83 11.05 -11.30 24.03
C LYS B 83 10.13 -10.07 24.04
N ASP B 84 8.83 -10.27 24.22
CA ASP B 84 7.86 -9.19 24.10
C ASP B 84 6.76 -9.39 25.14
N PRO B 85 7.05 -9.08 26.41
CA PRO B 85 6.03 -9.29 27.45
C PRO B 85 4.78 -8.45 27.25
N THR B 86 4.92 -7.16 26.93
CA THR B 86 3.78 -6.27 26.76
C THR B 86 3.14 -6.37 25.39
N SER B 87 3.51 -7.37 24.58
CA SER B 87 2.95 -7.57 23.25
C SER B 87 3.08 -6.32 22.38
N ARG B 88 4.27 -5.72 22.43
CA ARG B 88 4.55 -4.57 21.56
C ARG B 88 4.41 -4.93 20.09
N PHE B 89 4.60 -6.20 19.75
CA PHE B 89 4.48 -6.67 18.37
C PHE B 89 3.17 -7.40 18.11
N HIS B 90 2.20 -7.30 19.02
CA HIS B 90 0.81 -7.66 18.77
C HIS B 90 0.59 -9.16 18.58
N CYS B 91 1.38 -9.99 19.25
CA CYS B 91 1.11 -11.42 19.30
C CYS B 91 0.39 -11.73 20.61
N VAL B 92 -0.56 -12.68 20.54
CA VAL B 92 -1.36 -12.99 21.71
C VAL B 92 -0.47 -13.44 22.85
N ARG B 93 -0.79 -12.96 24.06
CA ARG B 93 0.00 -13.27 25.24
C ARG B 93 -0.50 -14.57 25.86
N MET B 94 0.42 -15.49 26.12
CA MET B 94 0.12 -16.72 26.84
C MET B 94 0.45 -16.51 28.31
N LEU B 95 -0.57 -16.62 29.16
CA LEU B 95 -0.42 -16.42 30.59
C LEU B 95 0.01 -17.68 31.33
N SER B 96 -0.42 -18.85 30.86
CA SER B 96 -0.19 -20.09 31.56
C SER B 96 -0.52 -21.25 30.62
N TYR B 97 -0.04 -22.44 31.02
CA TYR B 97 -0.35 -23.67 30.30
C TYR B 97 -0.28 -24.81 31.30
N PHE B 98 -1.13 -25.81 31.10
CA PHE B 98 -1.19 -26.97 31.99
C PHE B 98 -1.81 -28.12 31.21
N THR B 99 -1.68 -29.32 31.78
CA THR B 99 -2.26 -30.53 31.21
C THR B 99 -3.43 -30.97 32.09
N HIS B 100 -4.62 -30.95 31.53
CA HIS B 100 -5.83 -31.34 32.25
C HIS B 100 -6.04 -32.84 32.08
N VAL B 101 -6.33 -33.52 33.19
CA VAL B 101 -6.56 -34.96 33.19
C VAL B 101 -7.98 -35.21 33.69
N SER B 102 -8.81 -35.80 32.85
CA SER B 102 -10.10 -36.30 33.28
C SER B 102 -9.90 -37.54 34.15
N GLN B 103 -10.89 -37.81 35.01
CA GLN B 103 -10.80 -38.98 35.88
C GLN B 103 -10.91 -40.30 35.12
N GLN B 104 -11.18 -40.26 33.82
CA GLN B 104 -11.10 -41.44 32.98
C GLN B 104 -9.69 -41.67 32.45
N GLY B 105 -8.76 -40.74 32.67
CA GLY B 105 -7.40 -40.84 32.21
C GLY B 105 -7.08 -40.02 30.97
N ASN B 106 -8.09 -39.43 30.33
CA ASN B 106 -7.86 -38.65 29.12
C ASN B 106 -7.17 -37.34 29.48
N ALA B 107 -6.08 -37.04 28.76
CA ALA B 107 -5.26 -35.86 29.04
C ALA B 107 -5.44 -34.85 27.91
N HIS B 108 -5.93 -33.67 28.27
CA HIS B 108 -6.11 -32.57 27.32
C HIS B 108 -5.13 -31.46 27.65
N VAL B 109 -4.48 -30.92 26.61
CA VAL B 109 -3.48 -29.87 26.82
C VAL B 109 -4.15 -28.51 26.72
N CYS B 110 -3.90 -27.66 27.72
CA CYS B 110 -4.61 -26.40 27.87
C CYS B 110 -3.65 -25.22 27.82
N LEU B 111 -3.96 -24.25 26.97
CA LEU B 111 -3.22 -23.01 26.86
C LEU B 111 -4.09 -21.87 27.34
N VAL B 112 -3.61 -21.11 28.31
CA VAL B 112 -4.35 -19.98 28.90
C VAL B 112 -3.84 -18.70 28.25
N PHE B 113 -4.76 -17.92 27.69
CA PHE B 113 -4.45 -16.66 27.05
C PHE B 113 -5.26 -15.54 27.67
N GLU B 114 -4.76 -14.32 27.49
CA GLU B 114 -5.55 -13.12 27.74
C GLU B 114 -6.89 -13.22 27.00
N HIS B 115 -7.93 -12.71 27.62
CA HIS B 115 -9.24 -12.71 26.97
C HIS B 115 -9.31 -11.56 25.98
N LEU B 116 -9.50 -11.88 24.70
CA LEU B 116 -9.52 -10.90 23.64
C LEU B 116 -10.95 -10.62 23.17
N GLY B 117 -11.09 -9.62 22.31
CA GLY B 117 -12.37 -9.24 21.78
C GLY B 117 -12.80 -10.11 20.62
N PRO B 118 -13.71 -9.60 19.80
CA PRO B 118 -14.16 -10.35 18.62
C PRO B 118 -13.09 -10.40 17.55
N SER B 119 -13.25 -11.35 16.63
CA SER B 119 -12.27 -11.50 15.58
C SER B 119 -12.44 -10.41 14.53
N LEU B 120 -11.44 -10.31 13.64
CA LEU B 120 -11.57 -9.41 12.51
C LEU B 120 -12.72 -9.84 11.60
N PHE B 121 -12.93 -11.14 11.47
CA PHE B 121 -14.09 -11.63 10.75
C PHE B 121 -15.37 -11.21 11.44
N ASP B 122 -15.38 -11.21 12.78
CA ASP B 122 -16.54 -10.74 13.52
C ASP B 122 -16.83 -9.28 13.23
N VAL B 123 -15.80 -8.44 13.22
CA VAL B 123 -15.99 -7.03 12.92
C VAL B 123 -16.53 -6.86 11.51
N LEU B 124 -15.96 -7.60 10.55
CA LEU B 124 -16.42 -7.49 9.17
C LEU B 124 -17.87 -7.95 9.03
N MET B 125 -18.25 -9.02 9.73
CA MET B 125 -19.60 -9.55 9.61
C MET B 125 -20.61 -8.60 10.25
N ARG B 126 -20.31 -8.11 11.46
CA ARG B 126 -21.20 -7.16 12.11
C ARG B 126 -21.28 -5.86 11.33
N ASN B 127 -20.24 -5.54 10.55
CA ASN B 127 -20.25 -4.45 9.59
C ASN B 127 -21.02 -4.81 8.30
N HIS B 128 -21.80 -5.90 8.35
CA HIS B 128 -22.59 -6.38 7.22
C HIS B 128 -21.71 -6.68 6.01
N PHE B 129 -20.48 -7.11 6.28
CA PHE B 129 -19.49 -7.42 5.23
C PHE B 129 -19.31 -6.25 4.27
N ARG B 130 -19.46 -5.03 4.79
CA ARG B 130 -19.14 -3.84 4.02
C ARG B 130 -17.64 -3.53 4.11
N PRO B 131 -17.10 -2.82 3.12
CA PRO B 131 -15.67 -2.51 3.14
C PRO B 131 -15.24 -1.80 4.42
N LEU B 132 -14.04 -2.12 4.85
CA LEU B 132 -13.41 -1.46 6.00
C LEU B 132 -12.86 -0.11 5.57
N PRO B 133 -13.16 0.97 6.31
CA PRO B 133 -12.58 2.27 5.95
C PRO B 133 -11.06 2.22 5.90
N VAL B 134 -10.51 2.89 4.89
CA VAL B 134 -9.07 2.76 4.62
C VAL B 134 -8.21 3.16 5.81
N PRO B 135 -8.54 4.17 6.62
CA PRO B 135 -7.74 4.41 7.84
C PRO B 135 -7.70 3.22 8.79
N ILE B 136 -8.86 2.61 9.05
CA ILE B 136 -8.92 1.44 9.94
C ILE B 136 -8.15 0.27 9.32
N LEU B 137 -8.36 0.05 8.01
CA LEU B 137 -7.61 -1.00 7.32
C LEU B 137 -6.12 -0.79 7.45
N ARG B 138 -5.68 0.46 7.29
CA ARG B 138 -4.25 0.77 7.37
C ARG B 138 -3.71 0.47 8.76
N ALA B 139 -4.45 0.85 9.80
CA ALA B 139 -4.00 0.56 11.17
C ALA B 139 -3.88 -0.93 11.42
N VAL B 140 -4.93 -1.69 11.06
CA VAL B 140 -4.90 -3.13 11.26
C VAL B 140 -3.76 -3.77 10.47
N ALA B 141 -3.56 -3.32 9.23
CA ALA B 141 -2.49 -3.88 8.41
C ALA B 141 -1.12 -3.54 8.98
N ARG B 142 -0.95 -2.34 9.53
CA ARG B 142 0.32 -1.96 10.12
C ARG B 142 0.66 -2.87 11.30
N GLN B 143 -0.33 -3.09 12.18
CA GLN B 143 -0.06 -3.97 13.33
C GLN B 143 0.17 -5.41 12.88
N LEU B 144 -0.55 -5.85 11.85
CA LEU B 144 -0.38 -7.22 11.35
C LEU B 144 1.01 -7.40 10.75
N LEU B 145 1.48 -6.42 9.97
CA LEU B 145 2.83 -6.48 9.42
C LEU B 145 3.88 -6.39 10.52
N GLU B 146 3.62 -5.63 11.59
CA GLU B 146 4.56 -5.62 12.70
C GLU B 146 4.68 -7.01 13.33
N ALA B 147 3.53 -7.68 13.54
CA ALA B 147 3.55 -9.03 14.07
C ALA B 147 4.29 -9.99 13.14
N ILE B 148 4.04 -9.87 11.84
CA ILE B 148 4.70 -10.75 10.87
C ILE B 148 6.20 -10.49 10.85
N THR B 149 6.62 -9.23 10.98
CA THR B 149 8.04 -8.91 11.02
C THR B 149 8.69 -9.50 12.26
N PHE B 150 8.03 -9.35 13.41
CA PHE B 150 8.51 -10.01 14.64
C PHE B 150 8.73 -11.49 14.39
N LEU B 151 7.69 -12.19 13.94
CA LEU B 151 7.77 -13.64 13.73
C LEU B 151 8.88 -14.00 12.76
N HIS B 152 8.89 -13.38 11.58
CA HIS B 152 9.80 -13.81 10.51
C HIS B 152 11.24 -13.46 10.83
N GLU B 153 11.52 -12.20 11.18
CA GLU B 153 12.88 -11.70 11.23
C GLU B 153 13.45 -11.60 12.64
N HIS B 154 12.63 -11.73 13.69
CA HIS B 154 13.14 -11.72 15.06
C HIS B 154 13.07 -13.09 15.71
N ASN B 155 12.40 -14.06 15.09
CA ASN B 155 12.29 -15.40 15.62
C ASN B 155 12.40 -16.49 14.57
N GLN B 156 12.34 -16.15 13.28
CA GLN B 156 12.37 -17.12 12.19
C GLN B 156 11.23 -18.13 12.31
N ILE B 157 10.04 -17.60 12.55
CA ILE B 157 8.82 -18.42 12.69
C ILE B 157 7.86 -18.02 11.57
N VAL B 158 7.24 -19.02 10.95
CA VAL B 158 6.21 -18.79 9.95
C VAL B 158 4.86 -19.18 10.57
N HIS B 159 3.87 -18.30 10.43
CA HIS B 159 2.57 -18.55 11.03
C HIS B 159 1.80 -19.59 10.24
N THR B 160 1.70 -19.41 8.92
CA THR B 160 1.06 -20.26 7.94
C THR B 160 -0.47 -20.18 7.97
N ASP B 161 -1.08 -19.43 8.88
CA ASP B 161 -2.55 -19.39 8.95
C ASP B 161 -3.04 -17.97 9.22
N ILE B 162 -2.51 -17.00 8.48
CA ILE B 162 -2.98 -15.62 8.62
C ILE B 162 -4.36 -15.52 7.99
N LYS B 163 -5.34 -15.09 8.76
CA LYS B 163 -6.72 -14.94 8.29
C LYS B 163 -7.47 -14.08 9.29
N PRO B 164 -8.59 -13.45 8.88
CA PRO B 164 -9.33 -12.58 9.80
C PRO B 164 -9.85 -13.28 11.05
N GLU B 165 -9.99 -14.61 11.03
CA GLU B 165 -10.38 -15.31 12.24
C GLU B 165 -9.27 -15.31 13.27
N ASN B 166 -8.01 -15.15 12.84
CA ASN B 166 -6.87 -15.20 13.73
C ASN B 166 -6.30 -13.82 14.05
N VAL B 167 -7.07 -12.77 13.79
CA VAL B 167 -6.75 -11.42 14.22
C VAL B 167 -7.88 -11.00 15.14
N LEU B 168 -7.59 -10.79 16.42
CA LEU B 168 -8.59 -10.49 17.42
C LEU B 168 -8.40 -9.06 17.94
N ILE B 169 -9.50 -8.38 18.21
CA ILE B 169 -9.46 -7.02 18.72
C ILE B 169 -9.19 -7.04 20.22
N VAL B 170 -8.35 -6.12 20.68
CA VAL B 170 -8.19 -5.94 22.12
C VAL B 170 -9.48 -5.34 22.69
N PRO B 171 -10.02 -5.87 23.79
CA PRO B 171 -11.34 -5.42 24.24
C PRO B 171 -11.44 -3.93 24.49
N SER B 172 -10.40 -3.29 25.01
CA SER B 172 -10.47 -1.84 25.19
C SER B 172 -10.43 -1.08 23.89
N SER B 173 -10.30 -1.76 22.74
CA SER B 173 -10.36 -1.12 21.44
C SER B 173 -11.66 -1.43 20.69
N TYR B 174 -12.49 -2.32 21.21
CA TYR B 174 -13.78 -2.63 20.60
C TYR B 174 -14.84 -1.76 21.27
N TYR B 175 -15.34 -0.78 20.53
CA TYR B 175 -16.26 0.20 21.09
C TYR B 175 -17.71 -0.16 20.78
N PRO B 176 -18.63 0.23 21.65
CA PRO B 176 -20.06 -0.01 21.35
C PRO B 176 -20.48 0.73 20.10
N ASN B 177 -21.44 0.15 19.38
CA ASN B 177 -21.91 0.70 18.12
C ASN B 177 -20.78 0.72 17.10
N ARG B 178 -20.06 1.85 17.01
CA ARG B 178 -18.86 1.91 16.19
C ARG B 178 -17.85 0.90 16.69
N GLN B 179 -17.54 -0.10 15.85
CA GLN B 179 -16.77 -1.24 16.33
C GLN B 179 -15.32 -0.85 16.64
N ILE B 180 -14.59 -0.39 15.64
CA ILE B 180 -13.18 -0.06 15.81
C ILE B 180 -12.89 1.26 15.09
N THR B 181 -11.91 1.99 15.61
CA THR B 181 -11.39 3.20 15.01
C THR B 181 -9.97 2.93 14.51
N GLU B 182 -9.36 3.96 13.90
CA GLU B 182 -8.01 3.82 13.38
C GLU B 182 -6.97 3.69 14.49
N HIS B 183 -7.37 3.75 15.76
CA HIS B 183 -6.47 3.52 16.88
C HIS B 183 -6.63 2.11 17.45
N VAL B 184 -7.28 1.22 16.69
CA VAL B 184 -7.57 -0.12 17.17
C VAL B 184 -6.27 -0.86 17.48
N GLN B 185 -6.30 -1.65 18.54
CA GLN B 185 -5.22 -2.59 18.86
C GLN B 185 -5.71 -3.99 18.56
N VAL B 186 -4.87 -4.79 17.90
CA VAL B 186 -5.21 -6.15 17.53
C VAL B 186 -4.13 -7.09 18.05
N ARG B 187 -4.43 -8.38 17.98
CA ARG B 187 -3.50 -9.44 18.36
C ARG B 187 -3.60 -10.57 17.35
N LEU B 188 -2.43 -11.12 16.98
CA LEU B 188 -2.36 -12.28 16.10
C LEU B 188 -2.33 -13.54 16.94
N ILE B 189 -3.26 -14.46 16.66
CA ILE B 189 -3.48 -15.61 17.52
C ILE B 189 -3.32 -16.90 16.73
N ASP B 190 -3.48 -18.03 17.43
CA ASP B 190 -3.37 -19.38 16.88
C ASP B 190 -2.01 -19.63 16.23
N PHE B 191 -1.02 -19.95 17.05
CA PHE B 191 0.28 -20.40 16.58
C PHE B 191 0.40 -21.93 16.59
N GLY B 192 -0.73 -22.63 16.63
CA GLY B 192 -0.76 -24.07 16.63
C GLY B 192 -0.33 -24.71 15.33
N SER B 193 -0.27 -23.96 14.23
CA SER B 193 0.18 -24.48 12.95
C SER B 193 1.51 -23.90 12.50
N ALA B 194 2.19 -23.15 13.38
CA ALA B 194 3.43 -22.48 13.02
C ALA B 194 4.58 -23.47 12.97
N SER B 195 5.72 -23.00 12.44
CA SER B 195 6.91 -23.80 12.31
C SER B 195 8.13 -22.90 12.39
N ARG B 196 9.17 -23.38 13.06
CA ARG B 196 10.45 -22.68 13.10
C ARG B 196 11.26 -23.01 11.85
N LEU B 197 11.72 -21.97 11.15
CA LEU B 197 12.46 -22.14 9.90
C LEU B 197 13.94 -21.80 10.04
N ASP B 198 14.48 -21.85 11.26
CA ASP B 198 15.88 -21.48 11.47
C ASP B 198 16.83 -22.52 10.86
N LYS B 199 16.40 -23.78 10.76
CA LYS B 199 17.25 -24.85 10.25
C LYS B 199 16.77 -25.40 8.91
N VAL B 200 15.48 -25.69 8.78
CA VAL B 200 14.89 -26.11 7.52
C VAL B 200 13.95 -25.01 7.08
N SER B 201 14.40 -24.21 6.11
CA SER B 201 13.65 -23.01 5.70
C SER B 201 12.57 -23.30 4.67
N VAL B 202 12.61 -24.45 4.01
CA VAL B 202 11.70 -24.76 2.92
C VAL B 202 10.98 -26.07 3.23
N ARG B 203 9.66 -26.06 3.11
CA ARG B 203 8.82 -27.23 3.38
C ARG B 203 7.89 -27.46 2.19
N HIS B 204 7.25 -28.63 2.18
CA HIS B 204 6.36 -29.01 1.10
C HIS B 204 5.02 -29.55 1.59
N ALA B 205 4.76 -29.52 2.90
CA ALA B 205 3.48 -29.97 3.40
C ALA B 205 2.37 -28.98 3.02
N ILE B 206 1.14 -29.47 3.01
CA ILE B 206 -0.01 -28.62 2.77
C ILE B 206 -0.31 -27.83 4.04
N VAL B 207 -0.32 -26.51 3.94
CA VAL B 207 -0.60 -25.62 5.06
C VAL B 207 -1.57 -24.54 4.60
N SER B 208 -1.99 -23.71 5.56
CA SER B 208 -2.88 -22.56 5.35
C SER B 208 -4.32 -22.98 5.07
N THR B 209 -5.26 -22.13 5.48
CA THR B 209 -6.65 -22.31 5.11
C THR B 209 -6.82 -22.15 3.61
N ARG B 210 -7.73 -22.95 3.03
CA ARG B 210 -7.96 -22.95 1.58
C ARG B 210 -8.00 -21.55 1.00
N HIS B 211 -8.84 -20.67 1.55
CA HIS B 211 -9.08 -19.37 0.96
C HIS B 211 -7.87 -18.45 1.05
N TYR B 212 -6.85 -18.83 1.82
CA TYR B 212 -5.69 -17.98 2.03
C TYR B 212 -4.40 -18.71 1.70
N ARG B 213 -4.48 -19.82 0.97
CA ARG B 213 -3.33 -20.64 0.66
C ARG B 213 -2.57 -20.06 -0.53
N ALA B 214 -1.25 -19.95 -0.37
CA ALA B 214 -0.42 -19.40 -1.44
C ALA B 214 -0.27 -20.43 -2.56
N PRO B 215 -0.04 -19.98 -3.80
CA PRO B 215 0.04 -20.93 -4.92
C PRO B 215 1.18 -21.92 -4.83
N GLU B 216 2.32 -21.54 -4.23
CA GLU B 216 3.45 -22.46 -4.17
C GLU B 216 3.15 -23.67 -3.28
N ILE B 217 2.25 -23.51 -2.31
CA ILE B 217 1.82 -24.65 -1.50
C ILE B 217 1.05 -25.65 -2.36
N ILE B 218 0.17 -25.13 -3.23
CA ILE B 218 -0.61 -26.01 -4.10
C ILE B 218 0.28 -26.69 -5.14
N LEU B 219 1.19 -25.93 -5.74
CA LEU B 219 2.05 -26.43 -6.80
C LEU B 219 3.21 -27.29 -6.31
N GLY B 220 3.54 -27.24 -5.03
CA GLY B 220 4.64 -28.06 -4.53
C GLY B 220 6.03 -27.53 -4.83
N THR B 221 6.14 -26.28 -5.25
CA THR B 221 7.44 -25.68 -5.53
C THR B 221 8.19 -25.26 -4.27
N GLY B 222 7.75 -25.69 -3.09
CA GLY B 222 8.41 -25.33 -1.85
C GLY B 222 7.98 -23.99 -1.31
N TRP B 223 7.49 -23.96 -0.07
CA TRP B 223 7.04 -22.72 0.56
C TRP B 223 7.93 -22.39 1.76
N SER B 224 7.99 -21.10 2.08
CA SER B 224 8.76 -20.62 3.22
C SER B 224 8.01 -19.47 3.90
N PHE B 225 8.74 -18.45 4.36
CA PHE B 225 8.09 -17.30 4.96
C PHE B 225 7.13 -16.63 3.99
N ALA B 226 7.45 -16.63 2.70
CA ALA B 226 6.71 -15.82 1.73
C ALA B 226 5.23 -16.16 1.71
N CYS B 227 4.87 -17.41 2.01
CA CYS B 227 3.46 -17.79 1.98
C CYS B 227 2.64 -16.91 2.91
N ASP B 228 3.17 -16.64 4.11
CA ASP B 228 2.51 -15.73 5.04
C ASP B 228 2.14 -14.43 4.35
N ILE B 229 3.10 -13.84 3.64
CA ILE B 229 2.87 -12.56 2.98
C ILE B 229 1.68 -12.67 2.01
N TRP B 230 1.64 -13.76 1.23
CA TRP B 230 0.50 -13.98 0.35
C TRP B 230 -0.80 -13.93 1.14
N SER B 231 -0.89 -14.73 2.21
CA SER B 231 -2.07 -14.72 3.05
C SER B 231 -2.42 -13.30 3.45
N PHE B 232 -1.42 -12.56 3.94
CA PHE B 232 -1.63 -11.17 4.33
C PHE B 232 -2.29 -10.40 3.20
N GLY B 233 -1.70 -10.46 2.01
CA GLY B 233 -2.28 -9.76 0.88
C GLY B 233 -3.75 -10.09 0.69
N ALA B 234 -4.07 -11.39 0.71
CA ALA B 234 -5.45 -11.80 0.56
C ALA B 234 -6.34 -11.12 1.60
N LEU B 235 -5.93 -11.22 2.87
CA LEU B 235 -6.67 -10.57 3.95
C LEU B 235 -6.91 -9.11 3.63
N LEU B 236 -5.87 -8.41 3.16
CA LEU B 236 -6.01 -6.98 2.86
C LEU B 236 -7.12 -6.77 1.83
N VAL B 237 -7.08 -7.51 0.72
CA VAL B 237 -8.13 -7.39 -0.28
C VAL B 237 -9.48 -7.63 0.38
N GLU B 238 -9.55 -8.64 1.24
CA GLU B 238 -10.79 -8.95 1.93
C GLU B 238 -11.30 -7.75 2.72
N CYS B 239 -10.40 -7.12 3.49
CA CYS B 239 -10.81 -5.94 4.25
C CYS B 239 -11.24 -4.82 3.34
N TYR B 240 -10.64 -4.73 2.15
CA TYR B 240 -11.02 -3.68 1.23
C TYR B 240 -12.41 -3.90 0.66
N THR B 241 -12.90 -5.14 0.65
CA THR B 241 -14.16 -5.44 -0.02
C THR B 241 -15.21 -6.03 0.90
N GLY B 242 -14.84 -6.49 2.09
CA GLY B 242 -15.76 -7.23 2.93
C GLY B 242 -16.12 -8.60 2.41
N GLN B 243 -15.51 -9.04 1.32
CA GLN B 243 -15.80 -10.34 0.72
C GLN B 243 -14.54 -11.19 0.74
N LEU B 245 -11.88 -13.44 -0.95
CA LEU B 245 -11.37 -13.22 -2.30
C LEU B 245 -11.43 -14.46 -3.18
N PHE B 246 -11.14 -15.62 -2.60
CA PHE B 246 -11.09 -16.88 -3.33
C PHE B 246 -12.18 -17.80 -2.78
N GLN B 247 -13.30 -17.87 -3.49
CA GLN B 247 -14.45 -18.65 -3.05
C GLN B 247 -14.51 -19.96 -3.82
N SER B 248 -13.55 -20.83 -3.53
CA SER B 248 -13.45 -22.12 -4.19
C SER B 248 -12.76 -23.11 -3.25
N HIS B 249 -13.05 -24.38 -3.45
CA HIS B 249 -12.41 -25.47 -2.71
C HIS B 249 -11.73 -26.46 -3.64
N ASP B 250 -11.52 -26.08 -4.90
CA ASP B 250 -10.89 -26.91 -5.90
C ASP B 250 -9.56 -26.28 -6.28
N ASP B 251 -8.50 -27.11 -6.34
CA ASP B 251 -7.17 -26.58 -6.61
C ASP B 251 -7.10 -25.94 -8.00
N LEU B 252 -7.66 -26.62 -9.00
CA LEU B 252 -7.64 -26.10 -10.36
C LEU B 252 -8.39 -24.77 -10.45
N GLU B 253 -9.61 -24.73 -9.94
CA GLU B 253 -10.41 -23.50 -9.98
C GLU B 253 -9.75 -22.40 -9.17
N HIS B 254 -9.13 -22.74 -8.04
CA HIS B 254 -8.45 -21.75 -7.22
C HIS B 254 -7.27 -21.14 -7.97
N LEU B 255 -6.48 -21.97 -8.64
CA LEU B 255 -5.37 -21.46 -9.43
C LEU B 255 -5.87 -20.58 -10.58
N GLN B 256 -6.97 -20.98 -11.22
CA GLN B 256 -7.53 -20.15 -12.27
C GLN B 256 -8.03 -18.81 -11.73
N LEU B 257 -8.55 -18.80 -10.50
CA LEU B 257 -8.99 -17.55 -9.89
C LEU B 257 -7.80 -16.64 -9.62
N MET B 258 -6.69 -17.22 -9.18
CA MET B 258 -5.44 -16.45 -9.04
C MET B 258 -5.02 -15.85 -10.37
N GLN B 259 -5.02 -16.67 -11.42
CA GLN B 259 -4.73 -16.20 -12.77
C GLN B 259 -5.58 -14.99 -13.13
N LYS B 260 -6.91 -15.16 -13.06
CA LYS B 260 -7.82 -14.10 -13.46
C LYS B 260 -7.62 -12.84 -12.63
N LEU B 261 -7.28 -12.98 -11.36
CA LEU B 261 -7.07 -11.81 -10.51
C LEU B 261 -5.76 -11.08 -10.85
N LEU B 262 -4.71 -11.81 -11.23
CA LEU B 262 -3.38 -11.25 -11.23
C LEU B 262 -2.68 -11.17 -12.59
N GLN B 263 -3.28 -11.70 -13.66
CA GLN B 263 -2.50 -11.89 -14.89
C GLN B 263 -2.22 -10.59 -15.63
N HIS B 264 -2.99 -9.54 -15.39
CA HIS B 264 -2.81 -8.28 -16.11
C HIS B 264 -2.04 -7.26 -15.30
N GLU B 265 -1.44 -7.67 -14.18
CA GLU B 265 -0.55 -6.83 -13.39
C GLU B 265 0.83 -7.48 -13.45
N ASN B 266 1.78 -6.78 -14.08
CA ASN B 266 3.15 -7.25 -14.24
C ASN B 266 3.22 -8.59 -14.98
N GLY B 267 2.14 -8.99 -15.64
CA GLY B 267 2.14 -10.15 -16.52
C GLY B 267 2.51 -11.47 -15.88
N GLU B 268 2.01 -11.73 -14.67
CA GLU B 268 2.29 -12.99 -14.01
C GLU B 268 1.27 -14.06 -14.42
N VAL B 269 1.69 -15.32 -14.30
CA VAL B 269 0.93 -16.46 -14.80
C VAL B 269 1.21 -17.65 -13.90
N ILE B 270 0.16 -18.45 -13.66
CA ILE B 270 0.35 -19.71 -12.95
C ILE B 270 1.23 -20.63 -13.79
N VAL B 271 2.42 -20.93 -13.29
CA VAL B 271 3.42 -21.70 -14.01
C VAL B 271 3.46 -23.13 -13.47
N PRO B 272 3.63 -24.14 -14.33
CA PRO B 272 3.72 -25.51 -13.82
C PRO B 272 4.99 -25.71 -13.03
N PRO B 273 4.99 -26.61 -12.06
CA PRO B 273 6.20 -26.89 -11.29
C PRO B 273 7.19 -27.70 -12.11
N PRO B 274 8.48 -27.64 -11.77
CA PRO B 274 9.46 -28.46 -12.50
C PRO B 274 9.17 -29.94 -12.36
N ARG B 275 9.18 -30.63 -13.50
CA ARG B 275 8.86 -32.06 -13.53
C ARG B 275 9.92 -32.87 -12.79
N PRO B 276 9.56 -33.59 -11.72
CA PRO B 276 10.58 -34.31 -10.95
C PRO B 276 11.08 -35.53 -11.69
N SER B 277 12.30 -35.94 -11.35
CA SER B 277 12.85 -37.15 -11.95
C SER B 277 12.09 -38.37 -11.46
N PRO B 278 11.91 -39.39 -12.29
CA PRO B 278 11.18 -40.59 -11.83
C PRO B 278 11.80 -41.23 -10.60
N SER B 279 13.13 -41.14 -10.45
CA SER B 279 13.80 -41.71 -9.28
C SER B 279 13.52 -40.93 -8.01
N SER B 280 13.04 -39.70 -8.11
CA SER B 280 12.82 -38.87 -6.95
C SER B 280 11.69 -39.41 -6.09
N THR B 281 11.91 -39.49 -4.77
CA THR B 281 10.94 -40.05 -3.85
C THR B 281 10.52 -39.08 -2.75
N SER B 282 11.01 -37.84 -2.77
CA SER B 282 10.64 -36.88 -1.74
C SER B 282 9.15 -36.54 -1.83
N MET B 283 8.56 -36.17 -0.68
CA MET B 283 7.16 -35.79 -0.67
C MET B 283 6.92 -34.52 -1.49
N GLY B 284 7.95 -33.69 -1.66
CA GLY B 284 7.84 -32.56 -2.56
C GLY B 284 7.67 -33.00 -4.01
N SER B 285 8.37 -34.05 -4.41
CA SER B 285 8.21 -34.58 -5.77
C SER B 285 6.81 -35.16 -5.96
N GLN B 286 6.28 -35.85 -4.95
CA GLN B 286 4.93 -36.39 -5.07
C GLN B 286 3.91 -35.27 -5.17
N ARG B 287 4.07 -34.21 -4.37
CA ARG B 287 3.18 -33.05 -4.45
C ARG B 287 3.29 -32.39 -5.81
N ARG B 288 4.50 -32.33 -6.37
CA ARG B 288 4.67 -31.72 -7.69
C ARG B 288 4.01 -32.55 -8.77
N ARG B 289 4.06 -33.89 -8.65
CA ARG B 289 3.35 -34.74 -9.61
C ARG B 289 1.83 -34.52 -9.50
N GLU B 290 1.31 -34.49 -8.28
CA GLU B 290 -0.12 -34.25 -8.09
C GLU B 290 -0.53 -32.92 -8.70
N ALA B 291 0.28 -31.88 -8.53
CA ALA B 291 -0.07 -30.58 -9.10
C ALA B 291 0.08 -30.57 -10.62
N LEU B 292 1.06 -31.30 -11.15
CA LEU B 292 1.22 -31.41 -12.59
C LEU B 292 0.03 -32.09 -13.23
N LYS B 293 -0.67 -32.94 -12.47
CA LYS B 293 -1.93 -33.50 -12.96
C LYS B 293 -2.94 -32.41 -13.36
N LEU B 294 -2.73 -31.17 -12.93
CA LEU B 294 -3.65 -30.07 -13.20
C LEU B 294 -3.24 -29.24 -14.40
N PHE B 295 -2.23 -29.67 -15.16
CA PHE B 295 -1.72 -28.90 -16.29
C PHE B 295 -1.73 -29.76 -17.56
N ARG B 296 -1.86 -29.08 -18.69
CA ARG B 296 -1.79 -29.71 -20.02
C ARG B 296 -0.98 -28.80 -20.93
N ASP B 297 0.11 -29.33 -21.48
CA ASP B 297 0.98 -28.59 -22.40
C ASP B 297 1.52 -27.32 -21.76
N GLY B 298 1.79 -27.39 -20.45
CA GLY B 298 2.37 -26.27 -19.73
C GLY B 298 1.39 -25.20 -19.30
N ARG B 299 0.11 -25.37 -19.56
CA ARG B 299 -0.92 -24.42 -19.14
C ARG B 299 -1.88 -25.10 -18.18
N LEU B 300 -2.65 -24.29 -17.47
CA LEU B 300 -3.61 -24.80 -16.50
C LEU B 300 -4.79 -25.45 -17.22
N ASN B 301 -5.13 -26.67 -16.83
CA ASN B 301 -6.16 -27.46 -17.51
C ASN B 301 -7.56 -26.97 -17.11
N TRP B 302 -7.84 -25.71 -17.42
CA TRP B 302 -9.12 -25.11 -17.12
C TRP B 302 -9.73 -24.53 -18.37
N PRO B 303 -11.04 -24.70 -18.60
CA PRO B 303 -12.02 -25.36 -17.72
C PRO B 303 -12.21 -26.85 -18.00
N GLU B 304 -11.51 -27.38 -19.02
CA GLU B 304 -11.76 -28.74 -19.49
C GLU B 304 -11.54 -29.79 -18.40
N GLY B 305 -10.72 -29.49 -17.39
CA GLY B 305 -10.44 -30.45 -16.35
C GLY B 305 -11.28 -30.29 -15.09
N ILE B 306 -12.46 -29.68 -15.22
CA ILE B 306 -13.33 -29.47 -14.07
C ILE B 306 -14.21 -30.70 -13.85
N ASP B 307 -14.97 -31.07 -14.88
CA ASP B 307 -15.91 -32.19 -14.80
C ASP B 307 -15.60 -33.24 -15.86
N GLU B 308 -14.31 -33.55 -16.02
CA GLU B 308 -13.88 -34.58 -16.96
C GLU B 308 -14.40 -35.95 -16.56
N SER B 310 -17.36 -35.68 -19.05
CA SER B 310 -18.65 -35.11 -19.42
C SER B 310 -18.48 -34.03 -20.49
N ALA B 311 -19.31 -34.08 -21.53
CA ALA B 311 -19.25 -33.12 -22.62
C ALA B 311 -19.73 -31.75 -22.16
N ASN B 312 -21.02 -31.63 -21.88
CA ASN B 312 -21.61 -30.41 -21.33
C ASN B 312 -21.86 -30.64 -19.84
N SER B 313 -21.14 -29.88 -19.01
CA SER B 313 -21.20 -30.03 -17.56
C SER B 313 -21.79 -28.78 -16.92
N LEU B 314 -22.58 -28.99 -15.87
CA LEU B 314 -23.09 -27.86 -15.11
C LEU B 314 -22.00 -27.24 -14.26
N ALA B 315 -21.20 -28.08 -13.59
CA ALA B 315 -20.14 -27.58 -12.72
C ALA B 315 -19.07 -26.83 -13.53
N ARG B 316 -18.80 -27.29 -14.75
CA ARG B 316 -17.81 -26.61 -15.59
C ARG B 316 -18.29 -25.22 -15.97
N GLN B 317 -19.56 -25.08 -16.37
CA GLN B 317 -20.08 -23.76 -16.70
C GLN B 317 -20.19 -22.88 -15.46
N LYS B 318 -20.42 -23.49 -14.29
CA LYS B 318 -20.42 -22.71 -13.05
C LYS B 318 -19.03 -22.19 -12.73
N SER B 319 -18.00 -23.01 -12.96
CA SER B 319 -16.61 -22.53 -12.80
C SER B 319 -16.30 -21.43 -13.80
N ILE B 320 -16.82 -21.56 -15.02
CA ILE B 320 -16.64 -20.52 -16.03
C ILE B 320 -17.25 -19.20 -15.55
N ARG B 321 -18.48 -19.28 -15.02
CA ARG B 321 -19.14 -18.08 -14.52
C ARG B 321 -18.41 -17.51 -13.30
N ARG B 322 -17.86 -18.38 -12.44
CA ARG B 322 -17.14 -17.88 -11.26
C ARG B 322 -15.85 -17.18 -11.67
N VAL B 323 -15.17 -17.68 -12.71
CA VAL B 323 -13.99 -16.97 -13.19
C VAL B 323 -14.41 -15.69 -13.91
N ALA B 324 -15.59 -15.68 -14.52
CA ALA B 324 -16.10 -14.45 -15.12
C ALA B 324 -16.36 -13.38 -14.07
N ARG B 325 -16.97 -13.76 -12.94
CA ARG B 325 -17.25 -12.77 -11.90
C ARG B 325 -15.98 -12.30 -11.21
N MET B 326 -14.95 -13.14 -11.18
CA MET B 326 -13.70 -12.80 -10.51
C MET B 326 -13.10 -11.55 -11.13
N PRO B 327 -12.90 -10.48 -10.37
CA PRO B 327 -12.36 -9.24 -10.95
C PRO B 327 -10.84 -9.28 -11.04
N GLU B 328 -10.32 -8.43 -11.91
CA GLU B 328 -8.88 -8.21 -11.98
C GLU B 328 -8.49 -7.20 -10.90
N LEU B 329 -7.31 -7.40 -10.32
CA LEU B 329 -6.94 -6.71 -9.08
C LEU B 329 -7.04 -5.20 -9.22
N HIS B 330 -6.67 -4.66 -10.39
CA HIS B 330 -6.65 -3.21 -10.56
C HIS B 330 -8.05 -2.62 -10.48
N SER B 331 -9.05 -3.32 -11.02
CA SER B 331 -10.41 -2.79 -11.03
C SER B 331 -11.06 -2.85 -9.67
N ILE B 332 -10.55 -3.70 -8.77
CA ILE B 332 -11.13 -3.82 -7.44
C ILE B 332 -11.06 -2.49 -6.70
N PHE B 333 -9.99 -1.74 -6.90
CA PHE B 333 -9.68 -0.60 -6.05
C PHE B 333 -10.13 0.70 -6.70
N ARG B 334 -10.60 1.61 -5.86
CA ARG B 334 -11.03 2.91 -6.32
C ARG B 334 -9.83 3.73 -6.78
N PRO B 335 -10.04 4.68 -7.69
CA PRO B 335 -8.90 5.46 -8.20
C PRO B 335 -8.07 6.14 -7.11
N GLU B 336 -8.68 6.52 -6.00
CA GLU B 336 -7.99 7.28 -4.95
C GLU B 336 -7.27 6.38 -3.96
N HIS B 337 -7.02 5.11 -4.32
CA HIS B 337 -6.40 4.16 -3.40
C HIS B 337 -5.20 3.47 -4.03
N ALA B 338 -4.58 4.08 -5.05
CA ALA B 338 -3.47 3.48 -5.76
C ALA B 338 -2.41 2.95 -4.80
N CYS B 339 -2.06 3.75 -3.79
CA CYS B 339 -1.05 3.34 -2.81
C CYS B 339 -1.36 1.96 -2.24
N LEU B 340 -2.58 1.79 -1.72
CA LEU B 340 -2.95 0.48 -1.16
C LEU B 340 -2.79 -0.62 -2.21
N LEU B 341 -3.29 -0.36 -3.42
CA LEU B 341 -3.12 -1.32 -4.51
C LEU B 341 -1.64 -1.65 -4.69
N HIS B 342 -0.79 -0.61 -4.71
CA HIS B 342 0.65 -0.83 -4.81
C HIS B 342 1.11 -1.82 -3.75
N LEU B 343 0.72 -1.58 -2.49
CA LEU B 343 1.12 -2.47 -1.41
C LEU B 343 0.69 -3.91 -1.70
N ILE B 344 -0.56 -4.09 -2.15
CA ILE B 344 -1.05 -5.44 -2.36
C ILE B 344 -0.34 -6.09 -3.55
N ARG B 345 0.15 -5.28 -4.49
CA ARG B 345 0.92 -5.84 -5.59
C ARG B 345 2.24 -6.44 -5.11
N CYS B 346 2.72 -6.05 -3.93
CA CYS B 346 3.95 -6.62 -3.39
C CYS B 346 3.70 -7.86 -2.55
N CYS B 347 2.44 -8.21 -2.30
CA CYS B 347 2.08 -9.37 -1.52
C CYS B 347 1.46 -10.48 -2.36
N LEU B 348 0.55 -10.14 -3.26
CA LEU B 348 -0.11 -11.13 -4.12
C LEU B 348 0.68 -11.24 -5.42
N THR B 349 1.81 -11.93 -5.34
CA THR B 349 2.59 -12.30 -6.51
C THR B 349 2.66 -13.81 -6.58
N ILE B 350 2.41 -14.37 -7.76
CA ILE B 350 2.41 -15.81 -7.92
C ILE B 350 3.79 -16.38 -7.62
N ASP B 351 4.83 -15.68 -8.01
CA ASP B 351 6.19 -16.09 -7.68
C ASP B 351 6.50 -15.71 -6.24
N PRO B 352 6.63 -16.68 -5.33
CA PRO B 352 6.93 -16.34 -3.93
C PRO B 352 8.27 -15.65 -3.77
N LEU B 353 9.21 -15.88 -4.69
CA LEU B 353 10.50 -15.21 -4.60
C LEU B 353 10.41 -13.72 -4.89
N LYS B 354 9.26 -13.22 -5.36
CA LYS B 354 9.10 -11.80 -5.62
C LYS B 354 8.32 -11.06 -4.54
N ARG B 355 7.70 -11.78 -3.60
CA ARG B 355 6.99 -11.11 -2.53
C ARG B 355 7.97 -10.39 -1.61
N TRP B 356 7.53 -9.24 -1.09
CA TRP B 356 8.37 -8.43 -0.22
C TRP B 356 8.43 -9.01 1.19
N ARG B 357 9.50 -8.67 1.89
CA ARG B 357 9.59 -8.97 3.30
C ARG B 357 8.72 -8.00 4.09
N PRO B 358 8.17 -8.44 5.23
CA PRO B 358 7.29 -7.54 6.00
C PRO B 358 7.94 -6.24 6.42
N SER B 359 9.22 -6.26 6.77
CA SER B 359 9.92 -5.02 7.12
C SER B 359 10.01 -4.10 5.90
N GLU B 360 10.27 -4.66 4.72
CA GLU B 360 10.24 -3.86 3.50
C GLU B 360 8.84 -3.34 3.22
N LEU B 361 7.81 -4.11 3.57
CA LEU B 361 6.44 -3.66 3.36
C LEU B 361 6.06 -2.54 4.32
N LEU B 362 6.68 -2.49 5.50
CA LEU B 362 6.32 -1.47 6.49
C LEU B 362 6.89 -0.09 6.17
N ARG B 363 7.87 0.00 5.27
CA ARG B 363 8.33 1.30 4.80
C ARG B 363 7.66 1.70 3.49
N HIS B 364 6.53 1.10 3.17
CA HIS B 364 5.75 1.48 2.00
C HIS B 364 5.09 2.85 2.24
N PRO B 365 4.90 3.64 1.18
CA PRO B 365 4.24 4.94 1.36
C PRO B 365 2.82 4.85 1.87
N PHE B 366 2.20 3.67 1.80
CA PHE B 366 0.87 3.48 2.36
C PHE B 366 0.85 3.61 3.88
N PHE B 367 2.03 3.54 4.52
CA PHE B 367 2.11 3.55 5.97
C PHE B 367 2.74 4.81 6.56
N MET B 368 3.28 5.71 5.74
CA MET B 368 3.70 7.00 6.27
C MET B 368 2.51 7.86 6.69
N SER B 369 1.31 7.51 6.22
CA SER B 369 0.10 8.26 6.52
C SER B 369 -0.63 7.66 7.72
#